data_5O50
#
_entry.id   5O50
#
_cell.length_a   128.480
_cell.length_b   128.480
_cell.length_c   116.260
_cell.angle_alpha   90.00
_cell.angle_beta   90.00
_cell.angle_gamma   90.00
#
_symmetry.space_group_name_H-M   'P 43 21 2'
#
loop_
_entity.id
_entity.type
_entity.pdbx_description
1 polymer 'Glycogen phosphorylase, muscle form'
2 non-polymer "PYRIDOXAL-5'-PHOSPHATE"
3 non-polymer (2~{R},3~{S},4~{R},5~{R},6~{R})-5-azanyl-2-(hydroxymethyl)-6-(4-phenyl-1~{H}-imidazol-2-yl)oxane-3,4-diol
4 non-polymer 'INOSINIC ACID'
5 water water
#
_entity_poly.entity_id   1
_entity_poly.type   'polypeptide(L)'
_entity_poly.pdbx_seq_one_letter_code
;SRPLSDQEKRKQISVRGLAGVENVTELKKNFNRHLHFTLVKDRNVATPRDYYFALAHTVRDHLVGRWIRTQQHYYEKDPK
RIYYLSLEFYMGRTLQNTMVNLALENACDEATYQLGLDMEELEEIEEDAGLGNGGLGRLAACFLDSMATLGLAAYGYGIR
YEFGIFNQKICGGWQMEEADDWLRYGNPWEKARPEFTLPVHFYGRVEHTSQGAKWVDTQVVLAMPYDTPVPGYRNNVVNT
MRLWSAKAPNDFNLKDFNVGGYIQAVLDRNLAENISRVLYPNDNFFEGKELRLKQEYFVVAATLQDIIRRFKSSKFGCRD
PVRTNFDAFPDKVAIQLNDTHPSLAIPELMRVLVDLERLDWDKAWEVTVKTCAYTNHTVLPEALERWPVHLLETLLPRHL
QIIYEINQRFLNRVAAAFPGDVDRLRRMSLVEEGAVKRINMAHLCIAGSHAVNGVARIHSEILKKTIFKDFYELEPHKFQ
NKTNGITPRRWLVLCNPGLAEIIAERIGEEYISDLDQLRKLLSYVDDEAFIRDVAKVKQENKLKFAAYLEREYKVHINPN
SLFDVQVKRIHEYKRQLLNCLHVITLYNRIKKEPNKFVVPRTVMIGGKAAPGYHMAKMIIKLITAIGDVVNHDPVVGDRL
RVIFLENYRVSLAEKVIPAADLSEQISTAGTEASGTGNMKFMLNGALTIGTMDGANVEMAEEAGEENFFIFGMRVEDVDR
LDQRGYNAQEYYDRIPELRQIIEQLSSGFFSPKQPDLFKDIVNMLMHHDRFKVFADYEEYVKCQERVSALYKNPREWTRM
VIRNIATSGKFSSDRTIAQYAREIWGVEPSRQRLPAPDEKIP
;
_entity_poly.pdbx_strand_id   A
#
loop_
_chem_comp.id
_chem_comp.type
_chem_comp.name
_chem_comp.formula
9L2 non-polymer (2~{R},3~{S},4~{R},5~{R},6~{R})-5-azanyl-2-(hydroxymethyl)-6-(4-phenyl-1~{H}-imidazol-2-yl)oxane-3,4-diol 'C15 H19 N3 O4'
IMP non-polymer 'INOSINIC ACID' 'C10 H13 N4 O8 P'
PLP non-polymer PYRIDOXAL-5'-PHOSPHATE 'C8 H10 N O6 P'
#
# COMPACT_ATOMS: atom_id res chain seq x y z
N GLN A 12 15.49 -23.35 -15.43
CA GLN A 12 14.32 -24.26 -15.38
C GLN A 12 13.15 -23.77 -16.28
N ILE A 13 12.60 -22.58 -15.97
CA ILE A 13 11.51 -21.98 -16.76
C ILE A 13 11.98 -20.72 -17.52
N SER A 14 11.41 -20.52 -18.70
CA SER A 14 11.87 -19.52 -19.69
C SER A 14 11.86 -18.06 -19.20
N VAL A 15 10.77 -17.65 -18.54
CA VAL A 15 10.65 -16.25 -18.03
C VAL A 15 11.67 -15.90 -16.92
N ARG A 16 12.37 -16.90 -16.37
CA ARG A 16 13.46 -16.64 -15.40
C ARG A 16 14.83 -16.35 -16.04
N GLY A 17 14.92 -16.41 -17.38
CA GLY A 17 16.13 -15.99 -18.12
C GLY A 17 17.13 -17.09 -18.39
N LEU A 18 18.29 -16.71 -18.94
CA LEU A 18 19.32 -17.67 -19.35
C LEU A 18 20.32 -17.96 -18.22
N ALA A 19 20.77 -19.21 -18.15
CA ALA A 19 21.85 -19.62 -17.25
C ALA A 19 23.08 -20.03 -18.09
N GLY A 20 23.75 -19.04 -18.68
CA GLY A 20 24.96 -19.26 -19.47
C GLY A 20 26.20 -19.61 -18.64
N VAL A 21 27.04 -20.50 -19.17
CA VAL A 21 28.21 -21.01 -18.44
C VAL A 21 29.11 -19.91 -17.85
N GLU A 22 29.33 -18.82 -18.61
CA GLU A 22 30.23 -17.75 -18.16
C GLU A 22 29.61 -16.92 -17.06
N ASN A 23 28.32 -16.59 -17.21
CA ASN A 23 27.56 -15.92 -16.19
C ASN A 23 27.57 -16.70 -14.87
N VAL A 24 27.26 -18.00 -14.95
CA VAL A 24 27.21 -18.87 -13.77
C VAL A 24 28.57 -18.95 -13.08
N THR A 25 29.63 -19.10 -13.86
CA THR A 25 31.01 -19.14 -13.34
C THR A 25 31.36 -17.85 -12.55
N GLU A 26 31.02 -16.71 -13.14
CA GLU A 26 31.30 -15.40 -12.56
C GLU A 26 30.48 -15.12 -11.28
N LEU A 27 29.20 -15.50 -11.27
CA LEU A 27 28.37 -15.42 -10.06
C LEU A 27 28.94 -16.28 -8.93
N LYS A 28 29.38 -17.49 -9.27
CA LYS A 28 30.02 -18.36 -8.27
C LYS A 28 31.29 -17.78 -7.64
N LYS A 29 32.16 -17.20 -8.45
CA LYS A 29 33.39 -16.65 -7.90
C LYS A 29 33.14 -15.36 -7.11
N ASN A 30 32.17 -14.56 -7.52
CA ASN A 30 31.83 -13.36 -6.76
C ASN A 30 31.10 -13.66 -5.44
N PHE A 31 30.26 -14.68 -5.45
CA PHE A 31 29.65 -15.19 -4.22
C PHE A 31 30.74 -15.59 -3.19
N ASN A 32 31.71 -16.39 -3.62
CA ASN A 32 32.82 -16.78 -2.75
C ASN A 32 33.68 -15.61 -2.31
N ARG A 33 33.88 -14.63 -3.20
CA ARG A 33 34.59 -13.41 -2.86
C ARG A 33 33.87 -12.64 -1.74
N HIS A 34 32.57 -12.44 -1.88
CA HIS A 34 31.82 -11.73 -0.83
C HIS A 34 31.77 -12.50 0.50
N LEU A 35 31.67 -13.82 0.45
CA LEU A 35 31.63 -14.61 1.70
C LEU A 35 32.92 -14.41 2.51
N HIS A 36 34.05 -14.39 1.81
CA HIS A 36 35.37 -14.27 2.39
C HIS A 36 35.61 -12.81 2.79
N PHE A 37 35.64 -11.91 1.82
CA PHE A 37 36.03 -10.51 2.06
C PHE A 37 34.98 -9.61 2.68
N THR A 38 33.72 -9.77 2.32
CA THR A 38 32.68 -8.88 2.81
C THR A 38 32.13 -9.40 4.13
N LEU A 39 31.87 -10.69 4.21
CA LEU A 39 31.27 -11.24 5.42
C LEU A 39 32.30 -11.72 6.43
N VAL A 40 33.54 -11.97 5.99
CA VAL A 40 34.63 -12.44 6.85
C VAL A 40 34.24 -13.75 7.54
N LYS A 41 33.79 -14.71 6.72
CA LYS A 41 33.45 -16.07 7.15
C LYS A 41 34.19 -17.07 6.27
N ASP A 42 34.51 -18.25 6.80
CA ASP A 42 34.87 -19.38 5.92
C ASP A 42 33.67 -20.29 5.87
N ARG A 43 33.62 -21.15 4.87
CA ARG A 43 32.50 -22.05 4.64
C ARG A 43 32.21 -23.02 5.80
N ASN A 44 33.20 -23.27 6.67
CA ASN A 44 33.01 -24.21 7.78
C ASN A 44 32.11 -23.71 8.91
N VAL A 45 31.97 -22.39 9.07
CA VAL A 45 31.04 -21.83 10.07
C VAL A 45 29.94 -20.92 9.49
N ALA A 46 29.83 -20.84 8.17
CA ALA A 46 28.78 -20.02 7.54
C ALA A 46 27.39 -20.63 7.78
N THR A 47 26.43 -19.78 8.06
CA THR A 47 25.05 -20.17 8.22
C THR A 47 24.27 -19.80 6.97
N PRO A 48 23.04 -20.32 6.85
CA PRO A 48 22.20 -19.86 5.75
C PRO A 48 22.10 -18.33 5.66
N ARG A 49 22.10 -17.61 6.78
CA ARG A 49 22.02 -16.15 6.74
C ARG A 49 23.26 -15.56 6.06
N ASP A 50 24.43 -16.11 6.35
CA ASP A 50 25.68 -15.66 5.69
C ASP A 50 25.58 -15.88 4.18
N TYR A 51 25.05 -17.03 3.77
CA TYR A 51 24.86 -17.33 2.35
C TYR A 51 23.87 -16.40 1.67
N TYR A 52 22.76 -16.06 2.33
CA TYR A 52 21.86 -15.05 1.83
C TYR A 52 22.60 -13.71 1.59
N PHE A 53 23.35 -13.22 2.58
CA PHE A 53 24.09 -11.98 2.41
C PHE A 53 25.12 -12.02 1.27
N ALA A 54 25.81 -13.14 1.13
CA ALA A 54 26.79 -13.26 0.06
C ALA A 54 26.08 -13.19 -1.30
N LEU A 55 24.91 -13.82 -1.42
CA LEU A 55 24.14 -13.71 -2.68
C LEU A 55 23.63 -12.29 -2.91
N ALA A 56 23.07 -11.67 -1.88
CA ALA A 56 22.59 -10.29 -1.99
C ALA A 56 23.69 -9.32 -2.45
N HIS A 57 24.87 -9.43 -1.85
CA HIS A 57 25.99 -8.58 -2.31
C HIS A 57 26.40 -8.87 -3.75
N THR A 58 26.34 -10.14 -4.14
CA THR A 58 26.69 -10.54 -5.52
C THR A 58 25.73 -9.91 -6.53
N VAL A 59 24.44 -10.00 -6.23
CA VAL A 59 23.41 -9.42 -7.09
C VAL A 59 23.47 -7.89 -7.06
N ARG A 60 23.71 -7.31 -5.89
CA ARG A 60 23.83 -5.85 -5.77
C ARG A 60 24.93 -5.29 -6.68
N ASP A 61 26.05 -5.98 -6.77
CA ASP A 61 27.15 -5.56 -7.65
C ASP A 61 26.68 -5.32 -9.10
N HIS A 62 25.73 -6.13 -9.58
CA HIS A 62 25.17 -5.96 -10.95
C HIS A 62 24.27 -4.73 -11.11
N LEU A 63 23.71 -4.23 -10.02
CA LEU A 63 22.92 -2.98 -10.05
C LEU A 63 23.78 -1.74 -10.19
N VAL A 64 25.02 -1.80 -9.67
CA VAL A 64 25.79 -0.59 -9.40
C VAL A 64 26.18 0.17 -10.64
N GLY A 65 26.70 -0.53 -11.64
CA GLY A 65 27.11 0.09 -12.90
C GLY A 65 25.93 0.77 -13.57
N ARG A 66 24.79 0.08 -13.57
CA ARG A 66 23.56 0.63 -14.16
C ARG A 66 23.03 1.85 -13.39
N TRP A 67 23.12 1.80 -12.06
CA TRP A 67 22.70 2.89 -11.21
C TRP A 67 23.52 4.15 -11.46
N ILE A 68 24.84 4.00 -11.45
CA ILE A 68 25.75 5.11 -11.75
C ILE A 68 25.48 5.68 -13.15
N ARG A 69 25.32 4.80 -14.14
CA ARG A 69 25.10 5.22 -15.54
C ARG A 69 23.75 5.92 -15.71
N THR A 70 22.70 5.38 -15.09
CA THR A 70 21.39 6.01 -15.15
C THR A 70 21.44 7.44 -14.58
N GLN A 71 22.00 7.62 -13.39
CA GLN A 71 22.03 8.94 -12.74
C GLN A 71 22.93 9.94 -13.54
N GLN A 72 24.01 9.44 -14.13
CA GLN A 72 24.81 10.23 -15.08
C GLN A 72 24.01 10.70 -16.28
N HIS A 73 23.30 9.76 -16.92
CA HIS A 73 22.44 10.04 -18.05
C HIS A 73 21.41 11.15 -17.74
N TYR A 74 20.82 11.15 -16.54
CA TYR A 74 19.90 12.23 -16.15
C TYR A 74 20.60 13.57 -15.97
N TYR A 75 21.81 13.57 -15.42
CA TYR A 75 22.57 14.82 -15.30
C TYR A 75 22.88 15.41 -16.69
N GLU A 76 23.22 14.55 -17.65
CA GLU A 76 23.59 14.98 -18.99
C GLU A 76 22.40 15.47 -19.80
N LYS A 77 21.35 14.64 -19.89
CA LYS A 77 20.15 14.96 -20.67
C LYS A 77 19.21 15.99 -20.01
N ASP A 78 19.27 16.11 -18.68
CA ASP A 78 18.44 17.04 -17.92
C ASP A 78 16.92 16.95 -18.25
N PRO A 79 16.33 15.74 -18.12
CA PRO A 79 14.89 15.64 -18.36
C PRO A 79 14.12 16.26 -17.21
N LYS A 80 12.83 16.47 -17.39
CA LYS A 80 11.96 16.83 -16.26
C LYS A 80 12.00 15.72 -15.20
N ARG A 81 12.18 16.11 -13.93
CA ARG A 81 12.31 15.17 -12.83
C ARG A 81 11.00 15.05 -12.07
N ILE A 82 10.65 13.82 -11.73
CA ILE A 82 9.42 13.51 -11.00
C ILE A 82 9.81 13.12 -9.55
N TYR A 83 9.25 13.85 -8.58
CA TYR A 83 9.50 13.58 -7.18
C TYR A 83 8.24 13.07 -6.52
N TYR A 84 8.27 11.80 -6.09
CA TYR A 84 7.11 11.16 -5.48
C TYR A 84 7.32 11.16 -3.97
N LEU A 85 6.60 12.03 -3.28
CA LEU A 85 6.75 12.24 -1.85
C LEU A 85 5.72 11.42 -1.08
N SER A 86 6.18 10.59 -0.15
CA SER A 86 5.33 9.71 0.60
C SER A 86 5.92 9.47 1.97
N LEU A 87 5.04 9.35 2.96
CA LEU A 87 5.47 8.92 4.29
C LEU A 87 5.69 7.40 4.39
N GLU A 88 5.30 6.68 3.34
CA GLU A 88 5.31 5.20 3.33
C GLU A 88 5.76 4.66 2.00
N PHE A 89 6.66 3.67 2.07
CA PHE A 89 7.08 2.86 0.93
C PHE A 89 7.14 1.43 1.42
N TYR A 90 6.14 0.63 1.09
CA TYR A 90 6.05 -0.73 1.57
C TYR A 90 6.72 -1.66 0.54
N MET A 91 8.05 -1.79 0.67
CA MET A 91 8.87 -2.40 -0.39
C MET A 91 8.87 -3.94 -0.37
N GLY A 92 8.72 -4.55 0.80
CA GLY A 92 8.92 -6.00 0.93
C GLY A 92 10.38 -6.39 0.73
N ARG A 93 10.61 -7.65 0.32
CA ARG A 93 11.95 -8.15 0.03
CA ARG A 93 11.95 -8.15 0.03
C ARG A 93 12.43 -7.66 -1.32
N THR A 94 13.74 -7.51 -1.47
CA THR A 94 14.39 -6.95 -2.66
C THR A 94 15.15 -7.97 -3.53
N LEU A 95 15.63 -9.06 -2.94
CA LEU A 95 16.56 -9.96 -3.67
C LEU A 95 15.94 -10.54 -4.95
N GLN A 96 14.80 -11.18 -4.81
CA GLN A 96 14.14 -11.82 -5.96
C GLN A 96 13.70 -10.79 -7.00
N ASN A 97 13.14 -9.67 -6.54
CA ASN A 97 12.72 -8.63 -7.46
C ASN A 97 13.87 -8.09 -8.31
N THR A 98 15.03 -7.93 -7.69
CA THR A 98 16.23 -7.46 -8.40
C THR A 98 16.70 -8.49 -9.45
N MET A 99 16.71 -9.76 -9.09
CA MET A 99 17.07 -10.81 -10.04
C MET A 99 16.10 -10.83 -11.22
N VAL A 100 14.80 -10.74 -10.95
CA VAL A 100 13.78 -10.76 -12.04
C VAL A 100 14.03 -9.58 -13.02
N ASN A 101 14.17 -8.37 -12.45
CA ASN A 101 14.36 -7.17 -13.26
C ASN A 101 15.68 -7.11 -14.02
N LEU A 102 16.70 -7.83 -13.55
CA LEU A 102 17.98 -7.91 -14.25
C LEU A 102 18.17 -9.19 -15.05
N ALA A 103 17.15 -10.04 -15.10
CA ALA A 103 17.20 -11.31 -15.86
C ALA A 103 18.27 -12.27 -15.35
N LEU A 104 18.48 -12.28 -14.03
CA LEU A 104 19.53 -13.09 -13.37
C LEU A 104 18.99 -14.28 -12.60
N GLU A 105 17.67 -14.48 -12.56
CA GLU A 105 17.09 -15.48 -11.67
C GLU A 105 17.58 -16.92 -11.98
N ASN A 106 17.58 -17.33 -13.25
CA ASN A 106 18.00 -18.71 -13.57
C ASN A 106 19.50 -18.91 -13.36
N ALA A 107 20.31 -17.89 -13.68
CA ALA A 107 21.75 -17.96 -13.48
C ALA A 107 22.11 -18.07 -12.00
N CYS A 108 21.43 -17.27 -11.16
CA CYS A 108 21.64 -17.33 -9.71
C CYS A 108 21.17 -18.67 -9.13
N ASP A 109 20.08 -19.21 -9.67
CA ASP A 109 19.57 -20.52 -9.22
C ASP A 109 20.62 -21.60 -9.48
N GLU A 110 21.16 -21.59 -10.70
CA GLU A 110 22.18 -22.53 -11.12
C GLU A 110 23.48 -22.36 -10.32
N ALA A 111 23.94 -21.11 -10.18
CA ALA A 111 25.18 -20.81 -9.46
C ALA A 111 25.09 -21.33 -8.02
N THR A 112 23.99 -21.00 -7.35
CA THR A 112 23.78 -21.47 -5.98
C THR A 112 23.64 -23.00 -5.91
N TYR A 113 22.87 -23.58 -6.83
CA TYR A 113 22.74 -25.04 -6.90
C TYR A 113 24.09 -25.75 -6.98
N GLN A 114 24.98 -25.25 -7.85
CA GLN A 114 26.33 -25.81 -7.99
C GLN A 114 27.21 -25.63 -6.74
N LEU A 115 26.90 -24.65 -5.90
CA LEU A 115 27.56 -24.47 -4.61
C LEU A 115 26.92 -25.30 -3.47
N GLY A 116 25.87 -26.07 -3.78
CA GLY A 116 25.21 -26.93 -2.80
C GLY A 116 24.10 -26.25 -2.00
N LEU A 117 23.59 -25.13 -2.51
CA LEU A 117 22.62 -24.29 -1.77
C LEU A 117 21.32 -24.19 -2.54
N ASP A 118 20.22 -24.03 -1.80
CA ASP A 118 18.88 -23.88 -2.35
C ASP A 118 18.51 -22.39 -2.25
N MET A 119 18.44 -21.74 -3.41
CA MET A 119 18.18 -20.30 -3.46
C MET A 119 16.85 -19.89 -2.84
N GLU A 120 15.84 -20.73 -2.97
CA GLU A 120 14.52 -20.42 -2.43
C GLU A 120 14.58 -20.32 -0.89
N GLU A 121 15.39 -21.17 -0.28
CA GLU A 121 15.64 -21.15 1.16
C GLU A 121 16.38 -19.87 1.57
N LEU A 122 17.36 -19.46 0.76
CA LEU A 122 18.10 -18.20 1.04
C LEU A 122 17.17 -16.98 0.93
N GLU A 123 16.29 -16.99 -0.06
CA GLU A 123 15.33 -15.89 -0.23
C GLU A 123 14.45 -15.67 1.01
N GLU A 124 14.13 -16.75 1.71
CA GLU A 124 13.27 -16.68 2.90
C GLU A 124 13.91 -16.02 4.10
N ILE A 125 15.24 -15.82 4.07
CA ILE A 125 15.94 -15.19 5.20
C ILE A 125 15.80 -13.68 5.20
N GLU A 126 15.56 -13.08 4.05
CA GLU A 126 15.52 -11.63 3.94
C GLU A 126 14.32 -11.06 4.70
N GLU A 127 14.53 -9.97 5.42
CA GLU A 127 13.45 -9.24 6.10
C GLU A 127 12.66 -8.43 5.07
N ASP A 128 11.33 -8.37 5.20
CA ASP A 128 10.58 -7.31 4.50
C ASP A 128 11.06 -5.95 4.92
N ALA A 129 11.21 -5.06 3.96
CA ALA A 129 11.27 -3.65 4.27
C ALA A 129 9.79 -3.19 4.46
N GLY A 130 9.36 -3.11 5.72
CA GLY A 130 7.97 -2.85 6.07
C GLY A 130 7.67 -1.42 6.41
N LEU A 131 8.05 -0.49 5.54
CA LEU A 131 7.94 0.92 5.84
C LEU A 131 6.59 1.48 5.37
N GLY A 132 5.53 0.69 5.54
CA GLY A 132 4.18 1.15 5.27
C GLY A 132 3.17 0.31 6.04
N ASN A 133 1.91 0.77 6.00
CA ASN A 133 0.81 0.13 6.71
C ASN A 133 0.03 -0.87 5.87
N GLY A 134 -0.06 -0.61 4.57
CA GLY A 134 -0.92 -1.45 3.70
C GLY A 134 -0.93 -0.89 2.31
N GLY A 135 -2.11 -0.60 1.80
CA GLY A 135 -2.33 -0.24 0.40
C GLY A 135 -1.63 1.01 -0.13
N LEU A 136 -1.67 2.07 0.65
CA LEU A 136 -1.05 3.34 0.26
C LEU A 136 0.46 3.18 0.14
N GLY A 137 1.10 2.56 1.13
CA GLY A 137 2.52 2.32 1.05
C GLY A 137 2.92 1.35 -0.04
N ARG A 138 2.11 0.32 -0.23
CA ARG A 138 2.41 -0.65 -1.28
C ARG A 138 2.22 -0.04 -2.69
N LEU A 139 1.26 0.88 -2.83
CA LEU A 139 1.05 1.57 -4.09
C LEU A 139 2.27 2.39 -4.47
N ALA A 140 2.86 3.05 -3.48
CA ALA A 140 4.08 3.81 -3.69
C ALA A 140 5.20 2.92 -4.21
N ALA A 141 5.32 1.71 -3.66
CA ALA A 141 6.32 0.77 -4.11
C ALA A 141 6.09 0.27 -5.53
N CYS A 142 4.84 -0.07 -5.86
CA CYS A 142 4.50 -0.49 -7.22
C CYS A 142 4.79 0.62 -8.22
N PHE A 143 4.45 1.85 -7.84
CA PHE A 143 4.70 3.01 -8.68
C PHE A 143 6.20 3.21 -8.97
N LEU A 144 7.05 3.03 -7.98
CA LEU A 144 8.49 3.17 -8.23
C LEU A 144 8.96 2.17 -9.25
N ASP A 145 8.47 0.93 -9.14
CA ASP A 145 8.82 -0.12 -10.08
C ASP A 145 8.34 0.25 -11.51
N SER A 146 7.10 0.76 -11.63
CA SER A 146 6.58 1.18 -12.95
C SER A 146 7.30 2.40 -13.52
N MET A 147 7.65 3.38 -12.67
CA MET A 147 8.35 4.56 -13.16
C MET A 147 9.74 4.20 -13.74
N ALA A 148 10.45 3.29 -13.09
CA ALA A 148 11.72 2.81 -13.61
C ALA A 148 11.57 2.02 -14.91
N THR A 149 10.55 1.17 -14.96
CA THR A 149 10.26 0.36 -16.13
C THR A 149 9.85 1.23 -17.33
N LEU A 150 9.20 2.35 -17.08
CA LEU A 150 8.83 3.29 -18.11
C LEU A 150 9.84 4.40 -18.38
N GLY A 151 11.04 4.30 -17.81
CA GLY A 151 12.14 5.18 -18.17
C GLY A 151 12.00 6.62 -17.72
N LEU A 152 11.25 6.85 -16.64
CA LEU A 152 11.03 8.20 -16.14
C LEU A 152 12.12 8.55 -15.15
N ALA A 153 12.56 9.82 -15.17
CA ALA A 153 13.58 10.30 -14.24
C ALA A 153 12.89 10.60 -12.91
N ALA A 154 12.62 9.52 -12.16
CA ALA A 154 11.77 9.58 -10.98
C ALA A 154 12.53 9.24 -9.71
N TYR A 155 12.17 9.94 -8.64
CA TYR A 155 12.79 9.76 -7.32
C TYR A 155 11.71 9.56 -6.29
N GLY A 156 11.82 8.55 -5.44
CA GLY A 156 10.92 8.37 -4.33
C GLY A 156 11.60 8.99 -3.12
N TYR A 157 10.90 9.82 -2.38
CA TYR A 157 11.45 10.44 -1.16
C TYR A 157 10.56 10.13 0.02
N GLY A 158 11.19 9.69 1.11
CA GLY A 158 10.50 9.27 2.31
C GLY A 158 11.40 9.33 3.53
N ILE A 159 11.00 8.61 4.56
CA ILE A 159 11.71 8.49 5.82
C ILE A 159 12.19 7.06 6.01
N ARG A 160 13.44 6.93 6.43
CA ARG A 160 14.03 5.65 6.79
C ARG A 160 13.69 5.38 8.25
N TYR A 161 12.55 4.73 8.47
CA TYR A 161 12.16 4.40 9.83
C TYR A 161 13.06 3.29 10.36
N GLU A 162 13.54 3.42 11.58
CA GLU A 162 14.29 2.34 12.20
C GLU A 162 13.40 1.12 12.48
N PHE A 163 12.15 1.38 12.82
CA PHE A 163 11.14 0.36 13.09
C PHE A 163 9.96 0.57 12.14
N GLY A 164 9.74 -0.43 11.31
CA GLY A 164 8.64 -0.40 10.36
C GLY A 164 7.36 -0.89 11.01
N ILE A 165 6.43 -1.37 10.19
CA ILE A 165 5.15 -1.85 10.74
C ILE A 165 5.44 -3.02 11.72
N PHE A 166 4.84 -2.98 12.89
CA PHE A 166 5.09 -3.99 13.92
C PHE A 166 4.85 -5.44 13.42
N ASN A 167 5.62 -6.39 13.97
CA ASN A 167 5.34 -7.80 13.82
C ASN A 167 4.18 -8.20 14.74
N GLN A 168 3.21 -8.90 14.16
CA GLN A 168 2.01 -9.34 14.86
C GLN A 168 2.20 -10.75 15.38
N LYS A 169 2.01 -10.94 16.68
CA LYS A 169 1.93 -12.27 17.27
C LYS A 169 0.50 -12.42 17.78
N ILE A 170 -0.04 -13.63 17.71
CA ILE A 170 -1.34 -13.94 18.28
C ILE A 170 -1.11 -14.78 19.55
N CYS A 171 -1.58 -14.27 20.69
CA CYS A 171 -1.45 -14.94 21.97
CA CYS A 171 -1.45 -14.95 21.98
C CYS A 171 -2.82 -15.06 22.64
N GLY A 172 -3.28 -16.29 22.87
CA GLY A 172 -4.62 -16.54 23.45
C GLY A 172 -5.71 -15.97 22.57
N GLY A 173 -5.46 -15.96 21.26
CA GLY A 173 -6.37 -15.34 20.30
C GLY A 173 -6.33 -13.82 20.15
N TRP A 174 -5.45 -13.13 20.88
CA TRP A 174 -5.34 -11.68 20.85
C TRP A 174 -4.07 -11.24 20.11
N GLN A 175 -4.16 -10.14 19.38
CA GLN A 175 -2.99 -9.50 18.78
C GLN A 175 -2.06 -8.95 19.87
N MET A 176 -0.79 -9.31 19.78
CA MET A 176 0.29 -8.66 20.52
C MET A 176 1.22 -8.04 19.46
N GLU A 177 1.82 -6.90 19.79
CA GLU A 177 2.75 -6.22 18.88
C GLU A 177 4.21 -6.38 19.34
N GLU A 178 5.11 -6.60 18.39
CA GLU A 178 6.54 -6.60 18.64
C GLU A 178 7.19 -5.67 17.66
N ALA A 179 8.24 -4.96 18.11
CA ALA A 179 9.01 -4.10 17.23
C ALA A 179 9.63 -4.86 16.07
N ASP A 180 9.61 -4.21 14.92
CA ASP A 180 10.11 -4.74 13.65
C ASP A 180 11.51 -4.17 13.49
N ASP A 181 12.46 -4.86 14.07
CA ASP A 181 13.87 -4.46 14.07
C ASP A 181 14.54 -4.93 12.79
N TRP A 182 14.05 -4.38 11.68
CA TRP A 182 14.38 -4.83 10.33
C TRP A 182 15.84 -4.58 9.92
N LEU A 183 16.51 -3.66 10.59
CA LEU A 183 17.90 -3.32 10.28
C LEU A 183 18.94 -4.04 11.13
N ARG A 184 18.50 -4.95 12.01
CA ARG A 184 19.39 -5.61 12.98
C ARG A 184 20.59 -6.24 12.30
N TYR A 185 20.37 -6.99 11.22
CA TYR A 185 21.45 -7.70 10.51
C TYR A 185 22.07 -6.88 9.38
N GLY A 186 21.63 -5.63 9.21
CA GLY A 186 22.10 -4.75 8.15
C GLY A 186 21.17 -4.80 6.94
N ASN A 187 21.28 -3.81 6.09
CA ASN A 187 20.47 -3.71 4.90
C ASN A 187 21.48 -3.55 3.75
N PRO A 188 21.68 -4.61 2.96
CA PRO A 188 22.70 -4.53 1.90
C PRO A 188 22.28 -3.69 0.70
N TRP A 189 21.01 -3.33 0.60
CA TRP A 189 20.48 -2.63 -0.56
C TRP A 189 20.69 -1.13 -0.49
N GLU A 190 20.76 -0.57 0.71
CA GLU A 190 20.91 0.88 0.86
C GLU A 190 22.36 1.33 0.83
N LYS A 191 22.57 2.59 0.46
CA LYS A 191 23.88 3.23 0.59
C LYS A 191 23.69 4.55 1.35
N ALA A 192 24.28 4.62 2.52
CA ALA A 192 24.31 5.87 3.30
C ALA A 192 25.02 6.94 2.51
N ARG A 193 24.48 8.16 2.52
CA ARG A 193 25.15 9.29 1.88
C ARG A 193 25.32 10.45 2.86
N PRO A 194 26.09 10.23 3.94
CA PRO A 194 26.24 11.25 5.00
C PRO A 194 26.81 12.58 4.50
N GLU A 195 27.49 12.55 3.36
CA GLU A 195 27.98 13.76 2.69
C GLU A 195 26.90 14.70 2.15
N PHE A 196 25.66 14.23 1.98
CA PHE A 196 24.55 15.06 1.48
C PHE A 196 23.54 15.38 2.59
N THR A 197 24.01 15.31 3.83
CA THR A 197 23.21 15.70 4.99
C THR A 197 22.81 17.17 4.97
N LEU A 198 21.56 17.43 5.33
CA LEU A 198 20.95 18.76 5.24
C LEU A 198 20.25 19.13 6.56
N PRO A 199 20.23 20.42 6.90
CA PRO A 199 19.52 20.84 8.12
C PRO A 199 18.02 21.07 7.93
N VAL A 200 17.24 20.71 8.96
CA VAL A 200 15.80 20.94 9.03
C VAL A 200 15.53 21.71 10.33
N HIS A 201 14.68 22.73 10.22
CA HIS A 201 14.40 23.66 11.33
C HIS A 201 13.05 23.42 11.95
N PHE A 202 12.98 23.57 13.28
CA PHE A 202 11.73 23.49 14.03
C PHE A 202 11.65 24.59 15.08
N TYR A 203 10.42 24.86 15.52
CA TYR A 203 10.13 25.85 16.56
C TYR A 203 10.55 27.27 16.11
N GLY A 204 11.20 28.03 16.98
CA GLY A 204 11.63 29.37 16.66
C GLY A 204 10.50 30.39 16.64
N ARG A 205 10.76 31.50 15.98
CA ARG A 205 9.77 32.57 15.85
C ARG A 205 10.06 33.36 14.58
N VAL A 206 9.09 34.16 14.16
CA VAL A 206 9.23 34.97 12.95
C VAL A 206 9.53 36.42 13.33
N GLU A 207 10.58 36.97 12.72
CA GLU A 207 10.90 38.38 12.77
C GLU A 207 10.59 39.01 11.45
N HIS A 208 9.91 40.16 11.45
CA HIS A 208 9.65 40.91 10.22
C HIS A 208 10.62 42.07 10.13
N THR A 209 11.57 41.99 9.21
CA THR A 209 12.53 43.07 8.94
C THR A 209 11.99 43.91 7.78
N SER A 210 12.77 44.91 7.38
CA SER A 210 12.47 45.71 6.17
C SER A 210 12.68 44.91 4.87
N GLN A 211 13.53 43.87 4.90
CA GLN A 211 13.71 42.94 3.80
C GLN A 211 13.00 41.59 4.02
N GLY A 212 11.70 41.64 4.37
CA GLY A 212 10.86 40.45 4.54
C GLY A 212 10.99 39.71 5.87
N ALA A 213 10.36 38.54 5.92
CA ALA A 213 10.29 37.72 7.13
C ALA A 213 11.55 36.85 7.27
N LYS A 214 11.92 36.58 8.52
CA LYS A 214 13.07 35.73 8.85
C LYS A 214 12.62 34.80 9.97
N TRP A 215 12.87 33.51 9.78
CA TRP A 215 12.50 32.48 10.76
C TRP A 215 13.77 32.25 11.56
N VAL A 216 13.75 32.61 12.85
CA VAL A 216 14.96 32.64 13.69
C VAL A 216 14.78 31.83 14.98
N ASP A 217 15.88 31.59 15.68
CA ASP A 217 15.93 30.89 17.00
C ASP A 217 15.36 29.49 16.92
N THR A 218 15.63 28.82 15.80
CA THR A 218 15.10 27.49 15.56
C THR A 218 15.97 26.40 16.20
N GLN A 219 15.38 25.23 16.41
CA GLN A 219 16.13 24.01 16.74
C GLN A 219 16.42 23.31 15.42
N VAL A 220 17.62 22.77 15.28
CA VAL A 220 18.06 22.14 14.03
C VAL A 220 18.15 20.64 14.26
N VAL A 221 17.60 19.89 13.31
CA VAL A 221 17.82 18.45 13.22
C VAL A 221 18.42 18.20 11.83
N LEU A 222 19.40 17.30 11.75
CA LEU A 222 20.00 16.98 10.46
C LEU A 222 19.24 15.83 9.82
N ALA A 223 19.13 15.88 8.50
CA ALA A 223 18.53 14.85 7.70
C ALA A 223 19.64 14.20 6.86
N MET A 224 19.93 12.95 7.16
CA MET A 224 20.96 12.18 6.45
C MET A 224 20.29 11.20 5.48
N PRO A 225 20.64 11.28 4.19
CA PRO A 225 19.96 10.41 3.21
C PRO A 225 20.61 9.03 3.07
N TYR A 226 19.78 8.03 2.85
CA TYR A 226 20.18 6.69 2.46
C TYR A 226 19.49 6.41 1.14
N ASP A 227 20.26 5.96 0.16
CA ASP A 227 19.73 5.72 -1.18
C ASP A 227 19.61 4.22 -1.47
N THR A 228 18.47 3.84 -2.05
CA THR A 228 18.19 2.46 -2.45
C THR A 228 17.91 2.43 -3.94
N PRO A 229 18.55 1.49 -4.66
CA PRO A 229 18.33 1.38 -6.11
C PRO A 229 16.95 0.78 -6.45
N VAL A 230 16.32 1.28 -7.50
CA VAL A 230 15.04 0.82 -7.98
C VAL A 230 15.19 0.41 -9.45
N PRO A 231 15.40 -0.90 -9.72
CA PRO A 231 15.65 -1.34 -11.09
C PRO A 231 14.37 -1.41 -11.92
N GLY A 232 14.44 -0.95 -13.16
CA GLY A 232 13.32 -1.15 -14.10
C GLY A 232 13.39 -2.56 -14.67
N TYR A 233 12.32 -3.00 -15.34
CA TYR A 233 12.28 -4.36 -15.91
C TYR A 233 13.07 -4.48 -17.20
N ARG A 234 14.25 -5.07 -17.09
CA ARG A 234 15.06 -5.41 -18.23
C ARG A 234 15.39 -4.26 -19.19
N ASN A 235 15.46 -3.04 -18.67
CA ASN A 235 15.77 -1.88 -19.49
C ASN A 235 17.05 -1.15 -19.08
N ASN A 236 17.79 -1.72 -18.12
CA ASN A 236 18.99 -1.13 -17.55
C ASN A 236 18.83 0.26 -16.90
N VAL A 237 17.60 0.61 -16.52
CA VAL A 237 17.35 1.86 -15.81
C VAL A 237 17.33 1.49 -14.31
N VAL A 238 18.06 2.24 -13.50
CA VAL A 238 18.04 2.10 -12.05
C VAL A 238 17.83 3.49 -11.45
N ASN A 239 16.65 3.71 -10.91
CA ASN A 239 16.29 4.95 -10.27
C ASN A 239 16.62 4.86 -8.77
N THR A 240 16.35 5.94 -8.05
CA THR A 240 16.72 6.08 -6.64
C THR A 240 15.50 6.30 -5.76
N MET A 241 15.47 5.58 -4.65
CA MET A 241 14.59 5.90 -3.53
C MET A 241 15.50 6.47 -2.43
N ARG A 242 15.27 7.72 -2.07
CA ARG A 242 16.09 8.41 -1.08
C ARG A 242 15.27 8.57 0.22
N LEU A 243 15.74 7.97 1.31
CA LEU A 243 15.05 7.97 2.57
C LEU A 243 15.89 8.70 3.62
N TRP A 244 15.26 9.59 4.37
CA TRP A 244 15.97 10.49 5.28
C TRP A 244 15.95 9.90 6.68
N SER A 245 17.09 10.02 7.38
CA SER A 245 17.23 9.60 8.76
C SER A 245 17.62 10.80 9.60
N ALA A 246 17.09 10.91 10.81
CA ALA A 246 17.29 12.10 11.65
C ALA A 246 18.53 11.94 12.51
N LYS A 247 19.35 12.99 12.57
CA LYS A 247 20.58 12.99 13.33
C LYS A 247 20.68 14.32 14.11
N ALA A 248 21.15 14.28 15.33
CA ALA A 248 21.34 15.53 16.09
C ALA A 248 22.63 16.17 15.63
N PRO A 249 22.68 17.50 15.54
CA PRO A 249 24.03 18.16 15.39
C PRO A 249 24.97 17.92 16.58
N ASN A 250 26.27 18.02 16.36
CA ASN A 250 27.28 17.67 17.41
C ASN A 250 27.35 18.60 18.62
N ASP A 251 26.89 19.83 18.45
CA ASP A 251 26.73 20.78 19.57
C ASP A 251 25.33 20.76 20.23
N PHE A 252 24.46 19.83 19.82
CA PHE A 252 23.09 19.69 20.36
C PHE A 252 23.11 19.56 21.89
N ASN A 253 22.41 20.47 22.56
CA ASN A 253 22.40 20.58 24.04
C ASN A 253 23.78 20.92 24.65
N LEU A 254 24.73 21.40 23.83
CA LEU A 254 26.12 21.57 24.29
C LEU A 254 26.72 22.95 23.92
N GLY A 261 24.27 17.91 33.04
CA GLY A 261 25.61 18.21 32.50
C GLY A 261 25.93 17.47 31.18
N TYR A 262 27.23 17.23 30.95
CA TYR A 262 27.72 16.69 29.67
C TYR A 262 27.06 15.36 29.31
N ILE A 263 27.03 14.41 30.25
CA ILE A 263 26.50 13.05 29.94
C ILE A 263 25.04 13.14 29.50
N GLN A 264 24.23 13.85 30.28
CA GLN A 264 22.81 14.00 29.96
C GLN A 264 22.57 14.67 28.60
N ALA A 265 23.39 15.65 28.25
CA ALA A 265 23.28 16.35 26.95
C ALA A 265 23.49 15.42 25.77
N VAL A 266 24.46 14.49 25.91
CA VAL A 266 24.69 13.49 24.90
C VAL A 266 23.52 12.50 24.83
N LEU A 267 23.02 12.07 25.99
CA LEU A 267 21.89 11.11 25.99
C LEU A 267 20.62 11.73 25.39
N ASP A 268 20.46 13.04 25.57
CA ASP A 268 19.28 13.74 25.08
C ASP A 268 19.27 13.97 23.58
N ARG A 269 20.33 13.57 22.87
CA ARG A 269 20.28 13.54 21.39
C ARG A 269 19.13 12.70 20.81
N ASN A 270 18.65 11.71 21.58
CA ASN A 270 17.47 10.91 21.21
C ASN A 270 16.22 11.74 20.94
N LEU A 271 16.06 12.87 21.62
CA LEU A 271 14.89 13.70 21.39
C LEU A 271 14.82 14.14 19.92
N ALA A 272 15.97 14.44 19.30
CA ALA A 272 16.00 14.80 17.88
C ALA A 272 15.85 13.59 16.97
N GLU A 273 16.50 12.50 17.35
CA GLU A 273 16.63 11.32 16.50
C GLU A 273 15.36 10.46 16.52
N ASN A 274 14.50 10.68 17.51
CA ASN A 274 13.19 10.04 17.53
C ASN A 274 12.31 10.31 16.32
N ILE A 275 12.57 11.40 15.58
CA ILE A 275 11.75 11.73 14.40
C ILE A 275 11.66 10.56 13.41
N SER A 276 12.78 9.88 13.17
CA SER A 276 12.77 8.78 12.22
C SER A 276 12.75 7.38 12.89
N ARG A 277 12.35 7.29 14.15
CA ARG A 277 12.47 6.05 14.87
C ARG A 277 11.41 5.02 14.44
N VAL A 278 10.17 5.46 14.29
CA VAL A 278 9.07 4.51 14.14
C VAL A 278 7.95 5.02 13.22
N LEU A 279 7.50 4.10 12.38
CA LEU A 279 6.33 4.30 11.52
C LEU A 279 5.04 4.33 12.34
N TYR A 280 4.21 5.36 12.18
CA TYR A 280 2.88 5.35 12.83
C TYR A 280 2.07 4.21 12.19
N PRO A 281 1.51 3.32 13.01
CA PRO A 281 0.95 2.04 12.54
C PRO A 281 -0.56 2.08 12.25
N ASN A 282 -1.08 3.23 11.86
CA ASN A 282 -2.51 3.38 11.58
C ASN A 282 -2.75 3.36 10.08
N ASP A 283 -3.72 2.56 9.67
CA ASP A 283 -4.12 2.49 8.27
C ASP A 283 -5.43 3.26 8.13
N ASN A 284 -5.46 4.24 7.21
CA ASN A 284 -6.68 4.97 6.87
C ASN A 284 -7.27 5.62 8.12
N PHE A 285 -6.43 6.30 8.90
CA PHE A 285 -6.87 6.91 10.15
C PHE A 285 -5.90 8.04 10.49
N PHE A 286 -6.42 9.17 10.94
CA PHE A 286 -5.60 10.31 11.35
C PHE A 286 -5.43 10.37 12.85
N GLU A 287 -4.18 10.37 13.29
CA GLU A 287 -3.81 10.56 14.69
C GLU A 287 -2.96 11.82 14.76
N GLY A 288 -3.51 12.87 15.32
CA GLY A 288 -2.88 14.20 15.30
C GLY A 288 -1.87 14.45 16.40
N LYS A 289 -0.76 13.73 16.37
CA LYS A 289 0.28 13.85 17.39
C LYS A 289 1.44 14.68 16.88
N GLU A 290 2.08 15.40 17.78
CA GLU A 290 3.20 16.26 17.42
C GLU A 290 4.32 15.51 16.70
N LEU A 291 4.69 14.32 17.19
CA LEU A 291 5.73 13.55 16.51
C LEU A 291 5.43 13.28 15.03
N ARG A 292 4.18 12.96 14.71
CA ARG A 292 3.74 12.76 13.33
C ARG A 292 3.90 14.02 12.50
N LEU A 293 3.53 15.16 13.05
CA LEU A 293 3.72 16.42 12.36
C LEU A 293 5.20 16.68 12.10
N LYS A 294 6.05 16.39 13.07
CA LYS A 294 7.50 16.52 12.86
C LYS A 294 7.99 15.66 11.72
N GLN A 295 7.50 14.43 11.65
CA GLN A 295 7.84 13.52 10.57
C GLN A 295 7.47 14.08 9.20
N GLU A 296 6.25 14.62 9.10
CA GLU A 296 5.75 15.19 7.87
C GLU A 296 6.58 16.37 7.43
N TYR A 297 6.95 17.28 8.35
CA TYR A 297 7.76 18.40 7.95
C TYR A 297 9.21 17.96 7.60
N PHE A 298 9.77 17.06 8.40
CA PHE A 298 11.13 16.57 8.20
C PHE A 298 11.32 16.07 6.76
N VAL A 299 10.43 15.21 6.30
CA VAL A 299 10.56 14.67 4.96
C VAL A 299 10.43 15.75 3.87
N VAL A 300 9.49 16.67 4.06
CA VAL A 300 9.26 17.76 3.12
C VAL A 300 10.43 18.75 3.04
N ALA A 301 10.93 19.17 4.20
CA ALA A 301 11.97 20.18 4.25
C ALA A 301 13.28 19.68 3.66
N ALA A 302 13.67 18.45 4.00
CA ALA A 302 14.90 17.88 3.44
C ALA A 302 14.77 17.64 1.94
N THR A 303 13.62 17.10 1.54
CA THR A 303 13.38 16.77 0.14
C THR A 303 13.43 18.03 -0.73
N LEU A 304 12.76 19.09 -0.30
CA LEU A 304 12.70 20.31 -1.12
C LEU A 304 14.06 20.97 -1.32
N GLN A 305 14.91 20.92 -0.31
CA GLN A 305 16.29 21.41 -0.48
C GLN A 305 17.05 20.62 -1.52
N ASP A 306 16.84 19.31 -1.52
CA ASP A 306 17.48 18.43 -2.49
C ASP A 306 17.01 18.74 -3.91
N ILE A 307 15.70 18.96 -4.05
CA ILE A 307 15.08 19.29 -5.32
C ILE A 307 15.64 20.60 -5.87
N ILE A 308 15.72 21.61 -5.00
CA ILE A 308 16.20 22.91 -5.41
C ILE A 308 17.69 22.87 -5.76
N ARG A 309 18.48 22.14 -4.98
CA ARG A 309 19.91 21.95 -5.28
C ARG A 309 20.11 21.40 -6.70
N ARG A 310 19.38 20.33 -7.00
CA ARG A 310 19.48 19.62 -8.26
C ARG A 310 19.03 20.50 -9.43
N PHE A 311 17.98 21.29 -9.23
CA PHE A 311 17.52 22.29 -10.20
C PHE A 311 18.55 23.40 -10.51
N LYS A 312 19.23 23.90 -9.48
CA LYS A 312 20.21 24.97 -9.67
C LYS A 312 21.49 24.49 -10.37
N SER A 313 21.80 23.21 -10.24
CA SER A 313 23.01 22.59 -10.80
C SER A 313 22.81 21.97 -12.18
N SER A 314 21.88 22.48 -12.98
CA SER A 314 21.50 21.84 -14.24
C SER A 314 21.86 22.71 -15.44
N THR A 324 18.68 30.53 -10.68
CA THR A 324 18.32 31.94 -10.65
C THR A 324 16.88 32.18 -11.16
N ASN A 325 16.53 31.55 -12.28
CA ASN A 325 15.24 31.80 -12.93
C ASN A 325 14.24 30.67 -12.65
N PHE A 326 13.40 30.91 -11.65
CA PHE A 326 12.42 29.93 -11.21
C PHE A 326 11.21 29.80 -12.12
N ASP A 327 11.10 30.63 -13.17
CA ASP A 327 10.01 30.46 -14.16
C ASP A 327 10.05 29.10 -14.84
N ALA A 328 11.24 28.55 -15.03
CA ALA A 328 11.43 27.22 -15.62
C ALA A 328 11.29 26.06 -14.59
N PHE A 329 11.06 26.36 -13.32
CA PHE A 329 10.99 25.35 -12.27
C PHE A 329 9.95 24.26 -12.58
N PRO A 330 8.71 24.67 -12.92
CA PRO A 330 7.68 23.67 -13.24
C PRO A 330 7.95 22.88 -14.54
N ASP A 331 8.78 23.40 -15.43
CA ASP A 331 9.22 22.63 -16.62
C ASP A 331 10.23 21.54 -16.29
N LYS A 332 10.93 21.65 -15.15
CA LYS A 332 11.96 20.72 -14.77
C LYS A 332 11.64 19.85 -13.55
N VAL A 333 10.55 20.17 -12.86
CA VAL A 333 10.20 19.54 -11.59
C VAL A 333 8.71 19.28 -11.54
N ALA A 334 8.35 18.03 -11.19
CA ALA A 334 6.99 17.71 -10.72
C ALA A 334 7.06 17.10 -9.33
N ILE A 335 6.18 17.55 -8.44
CA ILE A 335 6.09 17.02 -7.07
C ILE A 335 4.71 16.41 -6.92
N GLN A 336 4.65 15.11 -6.69
CA GLN A 336 3.41 14.40 -6.48
C GLN A 336 3.27 14.09 -4.99
N LEU A 337 2.16 14.53 -4.40
CA LEU A 337 1.88 14.40 -2.98
C LEU A 337 1.03 13.15 -2.79
N ASN A 338 1.57 12.18 -2.07
CA ASN A 338 0.86 10.92 -1.79
C ASN A 338 -0.06 11.11 -0.59
N ASP A 339 -1.30 11.54 -0.87
CA ASP A 339 -2.27 11.99 0.11
C ASP A 339 -1.78 13.32 0.71
N THR A 340 -2.35 13.74 1.84
CA THR A 340 -1.99 15.05 2.41
C THR A 340 -0.80 14.93 3.31
N HIS A 341 -0.26 13.73 3.49
CA HIS A 341 0.82 13.54 4.49
C HIS A 341 2.03 14.46 4.23
N PRO A 342 2.39 14.70 2.95
CA PRO A 342 3.45 15.67 2.65
C PRO A 342 2.94 17.03 2.20
N SER A 343 1.72 17.40 2.61
CA SER A 343 1.09 18.64 2.18
C SER A 343 1.87 19.90 2.56
N LEU A 344 2.70 19.83 3.60
CA LEU A 344 3.53 20.97 3.96
C LEU A 344 4.51 21.38 2.87
N ALA A 345 4.72 20.53 1.85
CA ALA A 345 5.50 20.92 0.66
C ALA A 345 5.03 22.24 0.03
N ILE A 346 3.72 22.45 0.03
CA ILE A 346 3.12 23.66 -0.56
C ILE A 346 3.58 24.94 0.16
N PRO A 347 3.34 25.07 1.48
CA PRO A 347 3.86 26.25 2.16
C PRO A 347 5.37 26.29 2.32
N GLU A 348 6.04 25.13 2.34
CA GLU A 348 7.50 25.11 2.39
C GLU A 348 8.10 25.65 1.09
N LEU A 349 7.55 25.23 -0.06
CA LEU A 349 7.99 25.77 -1.34
C LEU A 349 7.78 27.30 -1.39
N MET A 350 6.63 27.77 -0.93
CA MET A 350 6.40 29.21 -0.84
C MET A 350 7.39 29.90 0.07
N ARG A 351 7.67 29.30 1.24
CA ARG A 351 8.65 29.87 2.17
C ARG A 351 10.01 30.07 1.51
N VAL A 352 10.48 29.03 0.83
CA VAL A 352 11.77 29.07 0.21
C VAL A 352 11.81 30.12 -0.89
N LEU A 353 10.79 30.12 -1.75
CA LEU A 353 10.78 31.04 -2.87
C LEU A 353 10.62 32.50 -2.44
N VAL A 354 9.80 32.75 -1.41
CA VAL A 354 9.53 34.14 -0.97
C VAL A 354 10.58 34.64 0.02
N ASP A 355 10.80 33.89 1.10
CA ASP A 355 11.73 34.33 2.16
C ASP A 355 13.21 34.21 1.81
N LEU A 356 13.59 33.16 1.09
CA LEU A 356 14.99 32.89 0.80
C LEU A 356 15.41 33.34 -0.59
N GLU A 357 14.62 33.04 -1.62
CA GLU A 357 14.94 33.46 -3.01
C GLU A 357 14.38 34.83 -3.38
N ARG A 358 13.49 35.37 -2.55
CA ARG A 358 12.97 36.74 -2.70
C ARG A 358 12.16 36.97 -3.98
N LEU A 359 11.44 35.95 -4.41
CA LEU A 359 10.40 36.10 -5.43
C LEU A 359 9.21 36.82 -4.80
N ASP A 360 8.48 37.57 -5.62
CA ASP A 360 7.20 38.13 -5.16
C ASP A 360 6.21 36.98 -5.02
N TRP A 361 5.22 37.21 -4.17
CA TRP A 361 4.26 36.21 -3.79
C TRP A 361 3.56 35.58 -4.98
N ASP A 362 3.04 36.43 -5.87
CA ASP A 362 2.27 35.96 -7.03
C ASP A 362 3.07 35.04 -7.96
N LYS A 363 4.32 35.39 -8.23
CA LYS A 363 5.20 34.56 -9.04
C LYS A 363 5.47 33.22 -8.34
N ALA A 364 5.87 33.28 -7.07
CA ALA A 364 6.06 32.07 -6.27
C ALA A 364 4.85 31.13 -6.26
N TRP A 365 3.66 31.68 -6.11
CA TRP A 365 2.43 30.88 -6.08
C TRP A 365 2.15 30.19 -7.42
N GLU A 366 2.37 30.92 -8.50
CA GLU A 366 2.28 30.35 -9.85
C GLU A 366 3.20 29.14 -10.03
N VAL A 367 4.45 29.30 -9.61
CA VAL A 367 5.42 28.21 -9.66
C VAL A 367 4.98 27.02 -8.81
N THR A 368 4.56 27.29 -7.59
CA THR A 368 4.13 26.25 -6.67
C THR A 368 2.97 25.43 -7.23
N VAL A 369 1.91 26.12 -7.69
CA VAL A 369 0.72 25.45 -8.22
C VAL A 369 1.06 24.58 -9.44
N LYS A 370 1.89 25.09 -10.34
CA LYS A 370 2.30 24.33 -11.53
C LYS A 370 3.22 23.15 -11.24
N THR A 371 3.90 23.21 -10.11
CA THR A 371 4.79 22.13 -9.69
C THR A 371 4.09 20.99 -8.94
N CYS A 372 3.14 21.33 -8.08
CA CYS A 372 2.54 20.35 -7.18
C CYS A 372 1.25 19.73 -7.73
N ALA A 373 1.06 18.45 -7.40
CA ALA A 373 -0.19 17.73 -7.69
C ALA A 373 -0.49 16.80 -6.53
N TYR A 374 -1.78 16.62 -6.28
CA TYR A 374 -2.26 15.96 -5.05
C TYR A 374 -3.11 14.77 -5.42
N THR A 375 -2.75 13.62 -4.87
CA THR A 375 -3.57 12.43 -4.95
C THR A 375 -4.26 12.19 -3.62
N ASN A 376 -5.59 12.13 -3.66
CA ASN A 376 -6.44 11.78 -2.52
C ASN A 376 -6.70 10.29 -2.52
N HIS A 377 -6.58 9.66 -1.35
CA HIS A 377 -6.76 8.22 -1.21
C HIS A 377 -7.87 7.83 -0.23
N THR A 378 -8.71 8.76 0.22
CA THR A 378 -9.76 8.36 1.17
C THR A 378 -10.80 9.43 1.29
N VAL A 379 -12.03 9.00 1.54
CA VAL A 379 -13.11 9.90 1.93
C VAL A 379 -13.61 9.67 3.35
N LEU A 380 -13.07 8.70 4.09
CA LEU A 380 -13.51 8.51 5.46
C LEU A 380 -13.09 9.74 6.28
N PRO A 381 -14.04 10.35 7.00
CA PRO A 381 -13.73 11.59 7.75
C PRO A 381 -12.63 11.44 8.81
N GLU A 382 -12.59 10.29 9.47
CA GLU A 382 -11.57 10.01 10.46
C GLU A 382 -10.14 9.87 9.90
N ALA A 383 -9.99 9.78 8.57
CA ALA A 383 -8.68 9.65 7.93
C ALA A 383 -8.15 10.98 7.39
N LEU A 384 -8.97 12.01 7.36
CA LEU A 384 -8.58 13.30 6.80
C LEU A 384 -7.75 14.09 7.79
N GLU A 385 -6.63 14.68 7.35
CA GLU A 385 -5.74 15.38 8.26
C GLU A 385 -6.24 16.77 8.51
N ARG A 386 -6.50 17.06 9.77
CA ARG A 386 -6.91 18.37 10.20
C ARG A 386 -6.07 18.74 11.40
N TRP A 387 -5.02 19.54 11.22
CA TRP A 387 -4.07 19.81 12.27
C TRP A 387 -4.54 21.00 13.14
N PRO A 388 -4.55 20.84 14.48
CA PRO A 388 -4.82 22.01 15.33
C PRO A 388 -3.84 23.14 15.09
N VAL A 389 -4.37 24.36 14.98
CA VAL A 389 -3.59 25.55 14.77
C VAL A 389 -2.49 25.73 15.83
N HIS A 390 -2.78 25.42 17.10
CA HIS A 390 -1.81 25.60 18.19
C HIS A 390 -0.53 24.77 18.00
N LEU A 391 -0.65 23.57 17.44
CA LEU A 391 0.52 22.75 17.09
C LEU A 391 1.38 23.41 16.02
N LEU A 392 0.76 23.87 14.94
CA LEU A 392 1.48 24.56 13.87
C LEU A 392 2.07 25.88 14.32
N GLU A 393 1.35 26.57 15.19
CA GLU A 393 1.83 27.85 15.71
C GLU A 393 3.16 27.71 16.48
N THR A 394 3.27 26.65 17.27
CA THR A 394 4.46 26.39 18.07
C THR A 394 5.58 25.80 17.21
N LEU A 395 5.25 24.78 16.41
CA LEU A 395 6.25 24.01 15.69
C LEU A 395 6.76 24.71 14.42
N LEU A 396 5.85 25.38 13.70
CA LEU A 396 6.11 25.88 12.34
C LEU A 396 5.45 27.23 12.16
N PRO A 397 5.88 28.22 12.96
CA PRO A 397 5.18 29.49 12.96
C PRO A 397 5.16 30.22 11.62
N ARG A 398 6.24 30.14 10.84
CA ARG A 398 6.25 30.78 9.52
C ARG A 398 5.29 30.10 8.54
N HIS A 399 5.22 28.77 8.59
CA HIS A 399 4.32 28.01 7.76
C HIS A 399 2.86 28.36 8.06
N LEU A 400 2.53 28.57 9.33
CA LEU A 400 1.17 28.97 9.68
C LEU A 400 0.80 30.34 9.05
N GLN A 401 1.72 31.30 9.09
CA GLN A 401 1.51 32.62 8.48
C GLN A 401 1.25 32.49 6.99
N ILE A 402 2.07 31.66 6.33
CA ILE A 402 1.92 31.43 4.90
C ILE A 402 0.58 30.77 4.58
N ILE A 403 0.17 29.80 5.39
CA ILE A 403 -1.14 29.15 5.22
C ILE A 403 -2.31 30.14 5.34
N TYR A 404 -2.24 31.03 6.32
CA TYR A 404 -3.26 32.08 6.46
C TYR A 404 -3.34 33.00 5.24
N GLU A 405 -2.19 33.39 4.71
CA GLU A 405 -2.12 34.22 3.51
C GLU A 405 -2.67 33.49 2.28
N ILE A 406 -2.32 32.21 2.15
CA ILE A 406 -2.88 31.40 1.07
C ILE A 406 -4.42 31.40 1.18
N ASN A 407 -4.90 31.19 2.40
CA ASN A 407 -6.33 31.10 2.67
C ASN A 407 -7.06 32.38 2.30
N GLN A 408 -6.52 33.52 2.73
CA GLN A 408 -7.14 34.81 2.45
C GLN A 408 -7.20 35.08 0.95
N ARG A 409 -6.13 34.79 0.23
CA ARG A 409 -6.12 35.01 -1.21
C ARG A 409 -7.03 34.04 -1.93
N PHE A 410 -7.06 32.80 -1.46
CA PHE A 410 -7.97 31.80 -2.03
C PHE A 410 -9.46 32.17 -1.85
N LEU A 411 -9.83 32.55 -0.63
CA LEU A 411 -11.21 32.94 -0.35
C LEU A 411 -11.61 34.22 -1.08
N ASN A 412 -10.66 35.13 -1.33
CA ASN A 412 -10.94 36.29 -2.19
C ASN A 412 -11.36 35.87 -3.61
N ARG A 413 -10.74 34.83 -4.16
CA ARG A 413 -11.17 34.26 -5.45
C ARG A 413 -12.55 33.64 -5.37
N VAL A 414 -12.83 32.92 -4.28
CA VAL A 414 -14.15 32.27 -4.12
C VAL A 414 -15.24 33.34 -4.08
N ALA A 415 -15.01 34.39 -3.29
CA ALA A 415 -15.99 35.46 -3.11
C ALA A 415 -16.30 36.18 -4.42
N ALA A 416 -15.30 36.34 -5.27
CA ALA A 416 -15.48 36.97 -6.57
C ALA A 416 -16.23 36.08 -7.55
N ALA A 417 -16.03 34.76 -7.45
CA ALA A 417 -16.75 33.82 -8.32
C ALA A 417 -18.19 33.57 -7.87
N PHE A 418 -18.43 33.59 -6.55
CA PHE A 418 -19.76 33.28 -6.00
C PHE A 418 -20.17 34.38 -5.02
N PRO A 419 -20.45 35.57 -5.53
CA PRO A 419 -20.68 36.72 -4.62
C PRO A 419 -21.90 36.51 -3.70
N GLY A 420 -21.72 36.79 -2.41
CA GLY A 420 -22.78 36.68 -1.43
C GLY A 420 -22.96 35.30 -0.84
N ASP A 421 -22.25 34.29 -1.37
CA ASP A 421 -22.38 32.92 -0.88
C ASP A 421 -21.47 32.73 0.34
N VAL A 422 -21.93 33.25 1.47
CA VAL A 422 -21.11 33.24 2.70
C VAL A 422 -20.92 31.86 3.27
N ASP A 423 -21.92 30.99 3.13
CA ASP A 423 -21.72 29.63 3.59
C ASP A 423 -20.62 28.89 2.82
N ARG A 424 -20.55 29.11 1.50
CA ARG A 424 -19.48 28.52 0.69
C ARG A 424 -18.09 28.95 1.20
N LEU A 425 -17.93 30.23 1.56
CA LEU A 425 -16.67 30.72 2.16
C LEU A 425 -16.27 29.95 3.42
N ARG A 426 -17.23 29.73 4.30
CA ARG A 426 -17.00 28.89 5.49
C ARG A 426 -16.62 27.46 5.10
N ARG A 427 -17.35 26.84 4.18
CA ARG A 427 -17.08 25.45 3.79
C ARG A 427 -15.72 25.26 3.12
N MET A 428 -15.29 26.23 2.33
CA MET A 428 -14.08 26.07 1.53
C MET A 428 -12.82 26.54 2.25
N SER A 429 -12.97 27.23 3.39
CA SER A 429 -11.84 27.80 4.10
C SER A 429 -10.83 26.70 4.42
N LEU A 430 -9.56 27.05 4.34
CA LEU A 430 -8.51 26.14 4.83
C LEU A 430 -8.52 26.06 6.36
N VAL A 431 -9.08 27.08 7.01
CA VAL A 431 -9.14 27.14 8.46
C VAL A 431 -10.53 26.75 8.93
N GLU A 432 -10.61 25.70 9.73
CA GLU A 432 -11.89 25.30 10.34
C GLU A 432 -12.08 25.90 11.71
N GLU A 433 -13.21 26.57 11.90
CA GLU A 433 -13.61 27.13 13.20
C GLU A 433 -14.15 26.06 14.14
N GLY A 434 -14.20 26.37 15.42
CA GLY A 434 -14.64 25.43 16.46
C GLY A 434 -13.96 25.66 17.78
N ALA A 435 -14.18 24.74 18.71
CA ALA A 435 -13.50 24.75 20.02
C ALA A 435 -12.00 24.87 19.79
N VAL A 436 -11.47 23.98 18.96
CA VAL A 436 -10.09 24.06 18.45
C VAL A 436 -10.14 24.40 16.95
N LYS A 437 -9.49 25.49 16.58
CA LYS A 437 -9.29 25.83 15.18
C LYS A 437 -8.29 24.82 14.59
N ARG A 438 -8.57 24.36 13.38
CA ARG A 438 -7.72 23.39 12.68
C ARG A 438 -7.49 23.85 11.24
N ILE A 439 -6.40 23.36 10.64
CA ILE A 439 -6.15 23.54 9.22
C ILE A 439 -6.55 22.28 8.50
N ASN A 440 -7.38 22.41 7.48
CA ASN A 440 -7.79 21.27 6.67
C ASN A 440 -6.74 21.08 5.56
N MET A 441 -5.93 20.03 5.67
CA MET A 441 -4.78 19.88 4.77
C MET A 441 -5.23 19.54 3.34
N ALA A 442 -6.36 18.85 3.21
CA ALA A 442 -6.90 18.54 1.88
C ALA A 442 -7.28 19.82 1.13
N HIS A 443 -7.90 20.77 1.83
CA HIS A 443 -8.22 22.07 1.22
C HIS A 443 -6.95 22.80 0.80
N LEU A 444 -5.93 22.76 1.64
CA LEU A 444 -4.63 23.34 1.27
C LEU A 444 -4.06 22.71 -0.02
N CYS A 445 -4.11 21.37 -0.09
CA CYS A 445 -3.60 20.64 -1.27
C CYS A 445 -4.35 20.99 -2.53
N ILE A 446 -5.68 21.14 -2.44
CA ILE A 446 -6.45 21.48 -3.65
C ILE A 446 -6.10 22.87 -4.14
N ALA A 447 -6.03 23.83 -3.20
CA ALA A 447 -5.71 25.21 -3.52
C ALA A 447 -4.35 25.35 -4.17
N GLY A 448 -3.37 24.58 -3.70
CA GLY A 448 -1.99 24.72 -4.13
C GLY A 448 -1.46 23.78 -5.19
N SER A 449 -2.36 23.01 -5.82
CA SER A 449 -2.01 21.98 -6.80
C SER A 449 -2.72 22.27 -8.13
N HIS A 450 -2.07 21.96 -9.25
CA HIS A 450 -2.68 22.11 -10.58
C HIS A 450 -3.54 20.90 -10.95
N ALA A 451 -3.40 19.80 -10.21
CA ALA A 451 -4.16 18.56 -10.47
C ALA A 451 -4.46 17.89 -9.16
N VAL A 452 -5.68 17.37 -9.06
CA VAL A 452 -6.18 16.63 -7.92
C VAL A 452 -6.80 15.36 -8.49
N ASN A 453 -6.34 14.19 -8.04
CA ASN A 453 -6.95 12.96 -8.51
C ASN A 453 -7.39 12.02 -7.39
N GLY A 454 -8.43 11.26 -7.67
CA GLY A 454 -8.79 10.06 -6.89
C GLY A 454 -8.21 8.84 -7.58
N VAL A 455 -8.48 7.68 -6.98
CA VAL A 455 -7.69 6.48 -7.25
C VAL A 455 -8.51 5.33 -7.82
N ALA A 456 -9.78 5.62 -8.13
CA ALA A 456 -10.65 4.74 -8.90
C ALA A 456 -11.80 5.59 -9.39
N ARG A 457 -12.42 5.19 -10.50
CA ARG A 457 -13.45 6.03 -11.12
C ARG A 457 -14.56 6.43 -10.15
N ILE A 458 -15.08 5.47 -9.39
CA ILE A 458 -16.18 5.75 -8.46
C ILE A 458 -15.74 6.73 -7.35
N HIS A 459 -14.50 6.59 -6.90
CA HIS A 459 -13.92 7.46 -5.89
C HIS A 459 -13.73 8.88 -6.41
N SER A 460 -13.16 9.04 -7.61
CA SER A 460 -13.01 10.35 -8.21
C SER A 460 -14.36 11.05 -8.45
N GLU A 461 -15.39 10.29 -8.80
CA GLU A 461 -16.73 10.85 -8.91
C GLU A 461 -17.29 11.29 -7.56
N ILE A 462 -17.13 10.46 -6.54
CA ILE A 462 -17.52 10.80 -5.18
C ILE A 462 -16.83 12.10 -4.71
N LEU A 463 -15.55 12.28 -5.04
CA LEU A 463 -14.85 13.52 -4.67
C LEU A 463 -15.52 14.76 -5.28
N LYS A 464 -15.90 14.66 -6.55
CA LYS A 464 -16.55 15.78 -7.26
C LYS A 464 -17.99 16.05 -6.82
N LYS A 465 -18.69 15.01 -6.37
CA LYS A 465 -20.11 15.11 -5.96
C LYS A 465 -20.32 15.44 -4.49
N THR A 466 -19.40 15.05 -3.63
CA THR A 466 -19.58 15.19 -2.18
C THR A 466 -18.50 16.06 -1.53
N ILE A 467 -17.39 15.49 -1.09
CA ILE A 467 -16.53 16.25 -0.18
C ILE A 467 -15.80 17.43 -0.80
N PHE A 468 -15.48 17.37 -2.09
CA PHE A 468 -14.82 18.49 -2.77
C PHE A 468 -15.69 19.13 -3.87
N LYS A 469 -17.00 18.95 -3.77
CA LYS A 469 -17.94 19.57 -4.70
C LYS A 469 -17.72 21.08 -4.92
N ASP A 470 -17.52 21.82 -3.83
CA ASP A 470 -17.32 23.26 -3.91
C ASP A 470 -16.07 23.63 -4.73
N PHE A 471 -15.01 22.87 -4.53
CA PHE A 471 -13.74 23.08 -5.21
C PHE A 471 -13.83 22.74 -6.68
N TYR A 472 -14.53 21.66 -6.96
CA TYR A 472 -14.80 21.27 -8.34
C TYR A 472 -15.61 22.35 -9.09
N GLU A 473 -16.58 22.97 -8.44
CA GLU A 473 -17.35 24.03 -9.08
C GLU A 473 -16.49 25.24 -9.35
N LEU A 474 -15.52 25.53 -8.48
CA LEU A 474 -14.63 26.67 -8.72
C LEU A 474 -13.60 26.39 -9.81
N GLU A 475 -13.03 25.18 -9.80
CA GLU A 475 -11.90 24.83 -10.69
C GLU A 475 -12.07 23.41 -11.24
N PRO A 476 -13.07 23.20 -12.12
CA PRO A 476 -13.36 21.84 -12.62
C PRO A 476 -12.18 21.16 -13.33
N HIS A 477 -11.38 21.96 -14.04
CA HIS A 477 -10.18 21.50 -14.75
C HIS A 477 -9.13 20.77 -13.88
N LYS A 478 -9.08 21.06 -12.59
CA LYS A 478 -8.12 20.37 -11.71
C LYS A 478 -8.40 18.90 -11.47
N PHE A 479 -9.66 18.48 -11.57
CA PHE A 479 -10.09 17.19 -11.04
C PHE A 479 -9.96 16.07 -12.05
N GLN A 480 -9.21 15.04 -11.68
CA GLN A 480 -8.96 13.90 -12.57
C GLN A 480 -9.18 12.61 -11.83
N ASN A 481 -9.16 11.51 -12.60
CA ASN A 481 -9.11 10.15 -12.06
C ASN A 481 -7.83 9.50 -12.57
N LYS A 482 -7.21 8.70 -11.70
CA LYS A 482 -6.12 7.80 -12.07
C LYS A 482 -6.35 6.50 -11.33
N THR A 483 -6.96 5.52 -12.00
CA THR A 483 -7.29 4.28 -11.33
C THR A 483 -5.99 3.57 -10.96
N ASN A 484 -5.95 3.07 -9.74
CA ASN A 484 -4.78 2.39 -9.22
C ASN A 484 -4.41 1.14 -10.03
N GLY A 485 -3.20 0.65 -9.79
CA GLY A 485 -2.73 -0.60 -10.38
C GLY A 485 -1.68 -1.25 -9.51
N ILE A 486 -1.20 -2.40 -9.96
CA ILE A 486 -0.15 -3.17 -9.27
C ILE A 486 0.90 -3.56 -10.27
N THR A 487 2.14 -3.77 -9.83
CA THR A 487 3.16 -4.16 -10.78
C THR A 487 3.09 -5.65 -11.09
N PRO A 488 3.04 -6.01 -12.37
CA PRO A 488 3.02 -7.42 -12.70
C PRO A 488 4.33 -8.13 -12.53
N ARG A 489 5.42 -7.40 -12.27
CA ARG A 489 6.68 -8.06 -11.93
C ARG A 489 6.54 -8.77 -10.58
N ARG A 490 6.37 -8.04 -9.49
CA ARG A 490 6.19 -8.66 -8.17
C ARG A 490 4.94 -9.55 -8.09
N TRP A 491 3.81 -9.07 -8.62
CA TRP A 491 2.53 -9.71 -8.34
C TRP A 491 2.09 -10.76 -9.36
N LEU A 492 2.98 -11.11 -10.32
CA LEU A 492 2.75 -12.30 -11.16
C LEU A 492 4.02 -13.08 -11.34
N VAL A 493 5.04 -12.46 -11.93
CA VAL A 493 6.27 -13.18 -12.31
C VAL A 493 7.00 -13.70 -11.07
N LEU A 494 7.16 -12.81 -10.10
CA LEU A 494 7.90 -13.15 -8.89
C LEU A 494 7.12 -14.14 -8.03
N CYS A 495 5.87 -13.86 -7.73
CA CYS A 495 5.13 -14.69 -6.78
C CYS A 495 4.45 -15.93 -7.38
N ASN A 496 4.25 -15.97 -8.70
CA ASN A 496 3.51 -17.06 -9.34
C ASN A 496 4.20 -17.43 -10.66
N PRO A 497 5.45 -17.94 -10.57
CA PRO A 497 6.19 -18.27 -11.79
C PRO A 497 5.52 -19.33 -12.65
N GLY A 498 4.82 -20.28 -12.02
CA GLY A 498 4.09 -21.32 -12.76
C GLY A 498 3.02 -20.75 -13.69
N LEU A 499 2.26 -19.78 -13.19
CA LEU A 499 1.26 -19.12 -14.01
C LEU A 499 1.93 -18.28 -15.10
N ALA A 500 2.96 -17.53 -14.74
CA ALA A 500 3.67 -16.71 -15.73
C ALA A 500 4.18 -17.56 -16.89
N GLU A 501 4.66 -18.76 -16.58
CA GLU A 501 5.25 -19.63 -17.57
C GLU A 501 4.20 -20.19 -18.54
N ILE A 502 3.07 -20.66 -18.01
CA ILE A 502 2.05 -21.24 -18.90
C ILE A 502 1.42 -20.17 -19.78
N ILE A 503 1.35 -18.94 -19.29
CA ILE A 503 0.92 -17.82 -20.13
C ILE A 503 1.98 -17.57 -21.21
N ALA A 504 3.25 -17.51 -20.81
CA ALA A 504 4.35 -17.22 -21.74
C ALA A 504 4.48 -18.27 -22.84
N GLU A 505 4.19 -19.53 -22.52
CA GLU A 505 4.18 -20.61 -23.53
C GLU A 505 3.22 -20.31 -24.70
N ARG A 506 2.09 -19.66 -24.42
CA ARG A 506 1.09 -19.33 -25.42
C ARG A 506 1.33 -18.01 -26.13
N ILE A 507 1.60 -16.95 -25.38
CA ILE A 507 1.63 -15.61 -25.98
C ILE A 507 2.96 -14.88 -25.89
N GLY A 508 4.00 -15.56 -25.42
CA GLY A 508 5.33 -14.98 -25.31
C GLY A 508 5.49 -14.18 -24.03
N GLU A 509 6.61 -13.46 -23.96
CA GLU A 509 7.01 -12.74 -22.75
C GLU A 509 6.67 -11.25 -22.69
N GLU A 510 6.18 -10.68 -23.80
CA GLU A 510 5.97 -9.23 -23.87
C GLU A 510 4.94 -8.72 -22.89
N TYR A 511 4.01 -9.58 -22.47
CA TYR A 511 2.96 -9.17 -21.54
C TYR A 511 3.48 -8.64 -20.20
N ILE A 512 4.68 -9.05 -19.80
CA ILE A 512 5.24 -8.66 -18.50
C ILE A 512 5.45 -7.15 -18.39
N SER A 513 5.72 -6.47 -19.50
CA SER A 513 5.75 -5.00 -19.50
C SER A 513 4.66 -4.38 -20.38
N ASP A 514 3.66 -5.18 -20.78
CA ASP A 514 2.53 -4.67 -21.56
C ASP A 514 1.37 -5.59 -21.26
N LEU A 515 0.77 -5.39 -20.08
CA LEU A 515 -0.14 -6.39 -19.51
C LEU A 515 -1.44 -6.53 -20.27
N ASP A 516 -1.80 -5.52 -21.05
CA ASP A 516 -2.94 -5.62 -22.00
C ASP A 516 -2.88 -6.79 -22.95
N GLN A 517 -1.68 -7.28 -23.22
CA GLN A 517 -1.52 -8.49 -24.04
C GLN A 517 -2.18 -9.75 -23.47
N LEU A 518 -2.47 -9.76 -22.16
CA LEU A 518 -3.24 -10.86 -21.56
C LEU A 518 -4.61 -11.09 -22.21
N ARG A 519 -5.20 -10.07 -22.85
CA ARG A 519 -6.46 -10.26 -23.64
C ARG A 519 -6.37 -11.37 -24.67
N LYS A 520 -5.17 -11.60 -25.20
CA LYS A 520 -4.95 -12.72 -26.13
C LYS A 520 -5.35 -14.05 -25.53
N LEU A 521 -5.31 -14.17 -24.20
CA LEU A 521 -5.75 -15.41 -23.54
C LEU A 521 -7.22 -15.78 -23.72
N LEU A 522 -8.07 -14.84 -24.10
CA LEU A 522 -9.47 -15.16 -24.39
C LEU A 522 -9.63 -16.18 -25.53
N SER A 523 -8.62 -16.28 -26.42
CA SER A 523 -8.61 -17.29 -27.48
C SER A 523 -8.38 -18.72 -26.99
N TYR A 524 -8.05 -18.90 -25.72
CA TYR A 524 -7.72 -20.19 -25.13
C TYR A 524 -8.78 -20.68 -24.13
N VAL A 525 -9.87 -19.94 -24.00
CA VAL A 525 -10.89 -20.22 -22.98
C VAL A 525 -11.59 -21.56 -23.22
N ASP A 526 -11.63 -22.02 -24.47
CA ASP A 526 -12.14 -23.35 -24.82
C ASP A 526 -11.03 -24.37 -25.11
N ASP A 527 -9.77 -24.04 -24.80
CA ASP A 527 -8.66 -24.94 -25.10
C ASP A 527 -8.47 -25.85 -23.90
N GLU A 528 -8.68 -27.16 -24.09
CA GLU A 528 -8.63 -28.13 -22.99
C GLU A 528 -7.27 -28.20 -22.29
N ALA A 529 -6.18 -28.04 -23.04
CA ALA A 529 -4.83 -28.10 -22.47
C ALA A 529 -4.59 -26.90 -21.56
N PHE A 530 -4.95 -25.71 -22.03
CA PHE A 530 -4.82 -24.49 -21.22
C PHE A 530 -5.67 -24.51 -19.96
N ILE A 531 -6.94 -24.92 -20.08
CA ILE A 531 -7.81 -25.15 -18.91
C ILE A 531 -7.11 -26.07 -17.88
N ARG A 532 -6.61 -27.18 -18.35
CA ARG A 532 -5.90 -28.11 -17.47
C ARG A 532 -4.68 -27.47 -16.79
N ASP A 533 -3.89 -26.72 -17.56
CA ASP A 533 -2.67 -26.10 -17.03
C ASP A 533 -2.98 -25.02 -16.00
N VAL A 534 -3.99 -24.19 -16.26
CA VAL A 534 -4.39 -23.18 -15.29
C VAL A 534 -4.81 -23.81 -13.96
N ALA A 535 -5.65 -24.84 -14.02
CA ALA A 535 -6.09 -25.56 -12.82
C ALA A 535 -4.94 -26.27 -12.10
N LYS A 536 -3.98 -26.79 -12.87
CA LYS A 536 -2.82 -27.49 -12.28
C LYS A 536 -1.91 -26.53 -11.51
N VAL A 537 -1.66 -25.36 -12.08
CA VAL A 537 -0.85 -24.34 -11.39
C VAL A 537 -1.53 -23.92 -10.06
N LYS A 538 -2.84 -23.67 -10.08
CA LYS A 538 -3.55 -23.32 -8.85
C LYS A 538 -3.40 -24.44 -7.80
N GLN A 539 -3.59 -25.67 -8.23
CA GLN A 539 -3.46 -26.81 -7.33
C GLN A 539 -2.06 -26.89 -6.71
N GLU A 540 -1.02 -26.73 -7.54
CA GLU A 540 0.37 -26.68 -7.03
C GLU A 540 0.58 -25.57 -6.00
N ASN A 541 0.05 -24.38 -6.30
CA ASN A 541 0.17 -23.25 -5.37
C ASN A 541 -0.55 -23.53 -4.05
N LYS A 542 -1.69 -24.22 -4.12
CA LYS A 542 -2.44 -24.59 -2.92
C LYS A 542 -1.69 -25.60 -2.06
N LEU A 543 -1.11 -26.63 -2.70
CA LEU A 543 -0.29 -27.63 -2.00
C LEU A 543 0.92 -27.00 -1.33
N LYS A 544 1.59 -26.11 -2.06
CA LYS A 544 2.76 -25.42 -1.56
C LYS A 544 2.38 -24.54 -0.35
N PHE A 545 1.25 -23.84 -0.43
CA PHE A 545 0.82 -23.03 0.71
C PHE A 545 0.36 -23.88 1.90
N ALA A 546 -0.33 -24.98 1.64
CA ALA A 546 -0.78 -25.90 2.70
C ALA A 546 0.40 -26.53 3.47
N ALA A 547 1.51 -26.77 2.78
CA ALA A 547 2.74 -27.29 3.41
C ALA A 547 3.45 -26.20 4.21
N TYR A 548 3.47 -24.98 3.68
CA TYR A 548 4.04 -23.82 4.40
C TYR A 548 3.34 -23.64 5.74
N LEU A 549 2.01 -23.74 5.74
CA LEU A 549 1.22 -23.60 6.94
C LEU A 549 1.59 -24.64 7.98
N GLU A 550 1.66 -25.91 7.54
CA GLU A 550 2.05 -27.00 8.43
C GLU A 550 3.46 -26.80 9.02
N ARG A 551 4.43 -26.47 8.16
CA ARG A 551 5.82 -26.30 8.59
C ARG A 551 6.00 -25.14 9.59
N GLU A 552 5.61 -23.94 9.19
CA GLU A 552 5.86 -22.73 10.00
C GLU A 552 4.87 -22.50 11.13
N TYR A 553 3.66 -23.08 11.06
CA TYR A 553 2.62 -22.81 12.07
C TYR A 553 1.86 -24.02 12.63
N LYS A 554 2.31 -25.24 12.34
CA LYS A 554 1.73 -26.49 12.91
C LYS A 554 0.20 -26.66 12.68
N VAL A 555 -0.31 -26.14 11.55
CA VAL A 555 -1.75 -26.21 11.23
C VAL A 555 -1.97 -27.02 9.93
N HIS A 556 -2.94 -27.95 9.97
CA HIS A 556 -3.26 -28.84 8.84
C HIS A 556 -4.56 -28.45 8.12
N ILE A 557 -4.47 -28.27 6.80
CA ILE A 557 -5.63 -27.93 5.97
C ILE A 557 -5.79 -28.87 4.79
N ASN A 558 -7.03 -29.00 4.34
CA ASN A 558 -7.41 -29.83 3.21
C ASN A 558 -7.18 -29.04 1.90
N PRO A 559 -6.19 -29.45 1.08
CA PRO A 559 -5.89 -28.67 -0.11
C PRO A 559 -6.90 -28.86 -1.29
N ASN A 560 -7.86 -29.78 -1.16
CA ASN A 560 -8.97 -29.91 -2.13
C ASN A 560 -10.12 -28.94 -1.87
N SER A 561 -10.12 -28.30 -0.70
CA SER A 561 -11.17 -27.34 -0.34
C SER A 561 -11.02 -26.03 -1.11
N LEU A 562 -12.10 -25.27 -1.17
CA LEU A 562 -12.10 -23.96 -1.77
C LEU A 562 -11.35 -23.03 -0.78
N PHE A 563 -10.31 -22.36 -1.26
CA PHE A 563 -9.55 -21.41 -0.42
C PHE A 563 -10.19 -20.02 -0.53
N ASP A 564 -10.86 -19.62 0.54
CA ASP A 564 -11.69 -18.43 0.63
C ASP A 564 -10.88 -17.46 1.47
N VAL A 565 -10.39 -16.36 0.88
CA VAL A 565 -9.31 -15.57 1.49
C VAL A 565 -9.69 -14.11 1.60
N GLN A 566 -9.57 -13.55 2.81
CA GLN A 566 -9.72 -12.12 3.04
C GLN A 566 -8.49 -11.63 3.80
N VAL A 567 -7.55 -11.02 3.07
CA VAL A 567 -6.33 -10.48 3.66
C VAL A 567 -6.24 -8.98 3.34
N LYS A 568 -6.08 -8.20 4.39
CA LYS A 568 -6.11 -6.73 4.37
C LYS A 568 -6.09 -6.27 5.81
N ARG A 569 -5.82 -4.99 6.04
CA ARG A 569 -5.84 -4.49 7.40
C ARG A 569 -7.25 -4.66 8.01
N ILE A 570 -7.28 -4.91 9.31
CA ILE A 570 -8.54 -5.10 10.02
C ILE A 570 -9.19 -3.73 10.24
N HIS A 571 -10.42 -3.59 9.76
CA HIS A 571 -11.18 -2.32 9.82
C HIS A 571 -12.66 -2.61 9.88
N GLU A 572 -13.42 -1.74 10.52
CA GLU A 572 -14.89 -1.87 10.44
C GLU A 572 -15.39 -1.73 8.98
N TYR A 573 -14.85 -0.76 8.22
CA TYR A 573 -15.36 -0.51 6.87
C TYR A 573 -15.07 -1.62 5.88
N LYS A 574 -14.00 -2.38 6.11
CA LYS A 574 -13.65 -3.51 5.24
C LYS A 574 -14.50 -4.78 5.54
N ARG A 575 -15.17 -4.78 6.68
CA ARG A 575 -16.22 -5.74 7.00
C ARG A 575 -15.74 -7.21 7.07
N GLN A 576 -14.58 -7.43 7.68
CA GLN A 576 -14.23 -8.78 8.17
C GLN A 576 -15.41 -9.37 8.98
N LEU A 577 -16.16 -8.52 9.70
CA LEU A 577 -17.32 -8.99 10.45
C LEU A 577 -18.42 -9.62 9.58
N LEU A 578 -18.62 -9.11 8.38
CA LEU A 578 -19.61 -9.69 7.48
C LEU A 578 -19.16 -11.10 7.06
N ASN A 579 -17.87 -11.24 6.81
CA ASN A 579 -17.27 -12.58 6.53
C ASN A 579 -17.51 -13.51 7.72
N CYS A 580 -17.25 -13.04 8.93
CA CYS A 580 -17.50 -13.81 10.14
C CYS A 580 -18.93 -14.30 10.24
N LEU A 581 -19.89 -13.44 9.91
CA LEU A 581 -21.30 -13.84 9.96
C LEU A 581 -21.59 -14.98 8.96
N HIS A 582 -20.98 -14.90 7.79
CA HIS A 582 -21.14 -15.99 6.80
C HIS A 582 -20.54 -17.30 7.34
N VAL A 583 -19.33 -17.23 7.89
CA VAL A 583 -18.70 -18.44 8.42
C VAL A 583 -19.57 -19.10 9.48
N ILE A 584 -20.11 -18.32 10.42
CA ILE A 584 -21.01 -18.87 11.44
C ILE A 584 -22.30 -19.46 10.82
N THR A 585 -22.83 -18.81 9.78
CA THR A 585 -23.99 -19.30 9.07
C THR A 585 -23.72 -20.71 8.50
N LEU A 586 -22.59 -20.87 7.83
CA LEU A 586 -22.17 -22.19 7.31
C LEU A 586 -22.04 -23.24 8.40
N TYR A 587 -21.38 -22.90 9.51
CA TYR A 587 -21.26 -23.80 10.66
C TYR A 587 -22.64 -24.23 11.18
N ASN A 588 -23.51 -23.26 11.40
CA ASN A 588 -24.88 -23.54 11.86
C ASN A 588 -25.69 -24.42 10.88
N ARG A 589 -25.50 -24.19 9.58
CA ARG A 589 -26.16 -25.04 8.57
C ARG A 589 -25.65 -26.48 8.58
N ILE A 590 -24.35 -26.65 8.78
CA ILE A 590 -23.77 -27.99 8.92
C ILE A 590 -24.31 -28.70 10.16
N LYS A 591 -24.30 -28.01 11.29
CA LYS A 591 -24.80 -28.59 12.54
C LYS A 591 -26.28 -28.97 12.49
N LYS A 592 -27.06 -28.24 11.70
CA LYS A 592 -28.48 -28.53 11.53
C LYS A 592 -28.73 -29.76 10.65
N GLU A 593 -27.96 -29.90 9.56
CA GLU A 593 -28.08 -31.02 8.62
C GLU A 593 -26.70 -31.62 8.36
N PRO A 594 -26.16 -32.36 9.33
CA PRO A 594 -24.76 -32.77 9.25
C PRO A 594 -24.45 -33.73 8.09
N ASN A 595 -25.44 -34.49 7.64
CA ASN A 595 -25.20 -35.51 6.61
C ASN A 595 -25.46 -35.05 5.18
N LYS A 596 -25.73 -33.76 4.99
CA LYS A 596 -25.87 -33.15 3.67
C LYS A 596 -24.50 -32.70 3.15
N PHE A 597 -24.27 -32.90 1.85
CA PHE A 597 -23.03 -32.47 1.22
C PHE A 597 -22.98 -30.95 1.18
N VAL A 598 -21.80 -30.41 1.46
CA VAL A 598 -21.47 -29.00 1.26
C VAL A 598 -20.05 -28.93 0.67
N VAL A 599 -19.84 -27.97 -0.23
CA VAL A 599 -18.52 -27.75 -0.80
C VAL A 599 -17.56 -27.37 0.34
N PRO A 600 -16.50 -28.17 0.54
CA PRO A 600 -15.55 -27.87 1.60
C PRO A 600 -14.84 -26.54 1.38
N ARG A 601 -14.64 -25.77 2.47
CA ARG A 601 -13.92 -24.51 2.43
C ARG A 601 -12.88 -24.43 3.52
N THR A 602 -11.79 -23.75 3.20
CA THR A 602 -10.84 -23.25 4.16
C THR A 602 -10.96 -21.73 4.09
N VAL A 603 -11.47 -21.15 5.17
CA VAL A 603 -11.67 -19.72 5.25
C VAL A 603 -10.46 -19.14 5.97
N MET A 604 -9.73 -18.29 5.25
CA MET A 604 -8.53 -17.65 5.77
C MET A 604 -8.73 -16.15 5.83
N ILE A 605 -8.52 -15.59 7.01
CA ILE A 605 -8.62 -14.17 7.25
C ILE A 605 -7.32 -13.76 7.89
N GLY A 606 -6.73 -12.68 7.40
CA GLY A 606 -5.51 -12.16 8.01
C GLY A 606 -5.43 -10.66 7.86
N GLY A 607 -4.67 -10.05 8.75
CA GLY A 607 -4.45 -8.63 8.73
C GLY A 607 -4.08 -8.10 10.10
N LYS A 608 -3.36 -6.98 10.10
CA LYS A 608 -3.02 -6.29 11.34
C LYS A 608 -4.07 -5.27 11.73
N ALA A 609 -4.29 -5.15 13.04
CA ALA A 609 -5.10 -4.09 13.63
C ALA A 609 -4.15 -2.99 14.11
N ALA A 610 -4.52 -1.73 13.92
CA ALA A 610 -3.75 -0.64 14.57
C ALA A 610 -3.76 -0.86 16.09
N PRO A 611 -2.63 -0.62 16.78
CA PRO A 611 -2.56 -0.96 18.20
C PRO A 611 -3.59 -0.27 19.10
N GLY A 612 -4.00 0.94 18.76
CA GLY A 612 -5.03 1.63 19.56
C GLY A 612 -6.47 1.44 19.12
N TYR A 613 -6.73 0.59 18.14
CA TYR A 613 -8.04 0.46 17.54
C TYR A 613 -8.73 -0.73 18.22
N HIS A 614 -9.43 -0.43 19.30
CA HIS A 614 -10.03 -1.46 20.14
C HIS A 614 -10.97 -2.43 19.37
N MET A 615 -11.90 -1.90 18.58
CA MET A 615 -12.86 -2.75 17.84
C MET A 615 -12.14 -3.70 16.86
N ALA A 616 -11.09 -3.23 16.21
CA ALA A 616 -10.30 -4.10 15.30
C ALA A 616 -9.60 -5.22 16.05
N LYS A 617 -9.10 -4.91 17.25
CA LYS A 617 -8.55 -5.96 18.09
C LYS A 617 -9.60 -6.97 18.54
N MET A 618 -10.82 -6.51 18.83
CA MET A 618 -11.92 -7.43 19.18
C MET A 618 -12.34 -8.34 18.01
N ILE A 619 -12.28 -7.79 16.80
CA ILE A 619 -12.59 -8.58 15.58
C ILE A 619 -11.60 -9.73 15.39
N ILE A 620 -10.31 -9.47 15.61
CA ILE A 620 -9.32 -10.53 15.55
C ILE A 620 -9.65 -11.62 16.56
N LYS A 621 -9.96 -11.21 17.79
CA LYS A 621 -10.33 -12.18 18.83
C LYS A 621 -11.57 -13.01 18.44
N LEU A 622 -12.58 -12.37 17.85
CA LEU A 622 -13.76 -13.10 17.37
C LEU A 622 -13.37 -14.15 16.32
N ILE A 623 -12.51 -13.77 15.38
CA ILE A 623 -12.10 -14.70 14.31
C ILE A 623 -11.41 -15.95 14.87
N THR A 624 -10.49 -15.74 15.80
CA THR A 624 -9.80 -16.88 16.43
C THR A 624 -10.78 -17.69 17.29
N ALA A 625 -11.73 -17.03 17.94
CA ALA A 625 -12.73 -17.72 18.78
C ALA A 625 -13.67 -18.60 17.93
N ILE A 626 -14.01 -18.14 16.73
CA ILE A 626 -14.81 -18.93 15.81
C ILE A 626 -14.02 -20.16 15.38
N GLY A 627 -12.76 -19.94 14.99
CA GLY A 627 -11.83 -21.05 14.71
C GLY A 627 -11.74 -22.09 15.82
N ASP A 628 -11.62 -21.65 17.06
CA ASP A 628 -11.56 -22.58 18.21
C ASP A 628 -12.78 -23.51 18.29
N VAL A 629 -13.96 -23.03 17.91
CA VAL A 629 -15.17 -23.88 17.92
C VAL A 629 -15.26 -24.72 16.64
N VAL A 630 -15.14 -24.08 15.48
CA VAL A 630 -15.38 -24.73 14.20
C VAL A 630 -14.35 -25.82 13.94
N ASN A 631 -13.08 -25.52 14.18
CA ASN A 631 -11.98 -26.40 13.84
C ASN A 631 -11.90 -27.66 14.71
N HIS A 632 -12.58 -27.66 15.86
CA HIS A 632 -12.53 -28.79 16.79
C HIS A 632 -13.86 -29.54 16.94
N ASP A 633 -14.86 -29.16 16.15
CA ASP A 633 -16.14 -29.85 16.13
C ASP A 633 -16.02 -31.10 15.23
N PRO A 634 -16.14 -32.31 15.81
CA PRO A 634 -15.96 -33.52 14.99
C PRO A 634 -17.03 -33.74 13.91
N VAL A 635 -18.22 -33.16 14.08
CA VAL A 635 -19.29 -33.27 13.08
C VAL A 635 -18.96 -32.48 11.80
N VAL A 636 -18.27 -31.37 11.95
CA VAL A 636 -17.83 -30.55 10.81
C VAL A 636 -16.78 -31.27 9.96
N GLY A 637 -15.80 -31.88 10.63
CA GLY A 637 -14.74 -32.64 9.95
C GLY A 637 -13.81 -31.69 9.20
N ASP A 638 -13.37 -32.09 8.01
CA ASP A 638 -12.58 -31.22 7.14
C ASP A 638 -13.44 -30.41 6.14
N ARG A 639 -14.74 -30.28 6.40
CA ARG A 639 -15.63 -29.53 5.49
C ARG A 639 -15.55 -28.02 5.68
N LEU A 640 -15.18 -27.58 6.88
CA LEU A 640 -15.03 -26.14 7.16
C LEU A 640 -13.89 -25.93 8.14
N ARG A 641 -12.93 -25.10 7.76
CA ARG A 641 -11.81 -24.69 8.63
C ARG A 641 -11.71 -23.17 8.57
N VAL A 642 -11.41 -22.58 9.72
CA VAL A 642 -11.28 -21.11 9.85
C VAL A 642 -9.88 -20.85 10.44
N ILE A 643 -9.03 -20.18 9.66
CA ILE A 643 -7.64 -19.94 10.02
C ILE A 643 -7.39 -18.43 10.03
N PHE A 644 -6.79 -17.93 11.10
CA PHE A 644 -6.33 -16.56 11.14
C PHE A 644 -4.85 -16.56 10.72
N LEU A 645 -4.54 -15.90 9.62
CA LEU A 645 -3.16 -15.85 9.10
C LEU A 645 -2.42 -14.74 9.83
N GLU A 646 -1.43 -15.14 10.61
CA GLU A 646 -0.70 -14.26 11.50
C GLU A 646 0.33 -13.44 10.71
N ASN A 647 0.51 -12.18 11.11
CA ASN A 647 1.59 -11.33 10.56
C ASN A 647 1.50 -11.10 9.06
N TYR A 648 0.30 -10.80 8.59
CA TYR A 648 0.09 -10.46 7.19
C TYR A 648 0.94 -9.26 6.79
N ARG A 649 1.68 -9.45 5.70
CA ARG A 649 2.70 -8.50 5.24
C ARG A 649 3.01 -8.83 3.78
N VAL A 650 3.86 -8.05 3.12
CA VAL A 650 4.07 -8.24 1.67
C VAL A 650 4.58 -9.66 1.36
N SER A 651 5.54 -10.18 2.14
CA SER A 651 6.08 -11.52 1.89
CA SER A 651 6.07 -11.51 1.87
C SER A 651 5.01 -12.62 2.02
N LEU A 652 4.09 -12.46 2.97
CA LEU A 652 2.99 -13.42 3.12
C LEU A 652 1.95 -13.28 1.99
N ALA A 653 1.66 -12.06 1.54
CA ALA A 653 0.81 -11.86 0.36
C ALA A 653 1.31 -12.60 -0.88
N GLU A 654 2.62 -12.62 -1.06
CA GLU A 654 3.23 -13.28 -2.19
C GLU A 654 3.04 -14.79 -2.15
N LYS A 655 2.84 -15.36 -0.96
CA LYS A 655 2.57 -16.78 -0.80
C LYS A 655 1.07 -17.11 -0.85
N VAL A 656 0.25 -16.32 -0.18
CA VAL A 656 -1.19 -16.69 -0.08
C VAL A 656 -2.02 -16.32 -1.31
N ILE A 657 -1.71 -15.21 -1.94
CA ILE A 657 -2.52 -14.75 -3.08
C ILE A 657 -2.50 -15.75 -4.27
N PRO A 658 -1.32 -16.29 -4.67
CA PRO A 658 -1.33 -17.35 -5.70
C PRO A 658 -2.09 -18.61 -5.34
N ALA A 659 -2.33 -18.84 -4.05
CA ALA A 659 -3.05 -20.01 -3.59
C ALA A 659 -4.57 -19.84 -3.48
N ALA A 660 -5.07 -18.62 -3.64
CA ALA A 660 -6.48 -18.34 -3.35
C ALA A 660 -7.42 -18.75 -4.49
N ASP A 661 -8.58 -19.27 -4.12
CA ASP A 661 -9.68 -19.51 -5.08
C ASP A 661 -10.67 -18.34 -5.10
N LEU A 662 -10.97 -17.80 -3.92
CA LEU A 662 -11.97 -16.75 -3.77
C LEU A 662 -11.39 -15.57 -3.01
N SER A 663 -11.54 -14.38 -3.60
CA SER A 663 -11.05 -13.13 -3.08
C SER A 663 -12.22 -12.33 -2.49
N GLU A 664 -12.13 -11.99 -1.21
CA GLU A 664 -13.22 -11.32 -0.50
C GLU A 664 -12.93 -9.82 -0.53
N GLN A 665 -13.79 -9.07 -1.21
CA GLN A 665 -13.59 -7.64 -1.37
C GLN A 665 -14.94 -6.96 -1.07
N ILE A 666 -15.23 -6.83 0.22
CA ILE A 666 -16.61 -6.72 0.70
C ILE A 666 -16.87 -5.49 1.56
N SER A 667 -16.13 -4.42 1.30
CA SER A 667 -16.33 -3.14 1.93
C SER A 667 -17.71 -2.57 1.59
N THR A 668 -18.27 -1.78 2.49
CA THR A 668 -19.52 -1.09 2.24
C THR A 668 -19.36 -0.15 1.05
N ALA A 669 -20.29 -0.18 0.11
CA ALA A 669 -20.18 0.68 -1.09
C ALA A 669 -19.92 2.13 -0.66
N GLY A 670 -18.93 2.75 -1.27
CA GLY A 670 -18.58 4.13 -1.01
C GLY A 670 -17.45 4.33 -0.01
N THR A 671 -16.86 3.26 0.51
CA THR A 671 -15.85 3.40 1.58
C THR A 671 -14.44 3.06 1.18
N GLU A 672 -14.22 2.07 0.31
CA GLU A 672 -12.87 1.68 -0.08
C GLU A 672 -12.50 2.49 -1.32
N ALA A 673 -11.56 3.44 -1.21
CA ALA A 673 -11.28 4.37 -2.32
C ALA A 673 -10.96 3.64 -3.60
N SER A 674 -10.13 2.62 -3.49
CA SER A 674 -9.82 1.78 -4.62
C SER A 674 -9.72 0.33 -4.21
N GLY A 675 -8.78 0.04 -3.31
CA GLY A 675 -8.30 -1.29 -3.12
C GLY A 675 -7.24 -1.60 -4.15
N THR A 676 -6.29 -2.43 -3.76
CA THR A 676 -5.28 -3.01 -4.64
C THR A 676 -5.08 -4.51 -4.44
N GLY A 677 -5.34 -5.03 -3.24
CA GLY A 677 -5.37 -6.47 -3.04
C GLY A 677 -6.30 -7.15 -4.03
N ASN A 678 -7.45 -6.52 -4.28
CA ASN A 678 -8.42 -6.98 -5.28
C ASN A 678 -7.75 -7.32 -6.63
N MET A 679 -6.91 -6.42 -7.09
CA MET A 679 -6.23 -6.59 -8.38
C MET A 679 -5.18 -7.71 -8.33
N LYS A 680 -4.50 -7.83 -7.19
CA LYS A 680 -3.51 -8.93 -7.03
C LYS A 680 -4.16 -10.28 -7.17
N PHE A 681 -5.34 -10.44 -6.57
CA PHE A 681 -6.06 -11.72 -6.64
C PHE A 681 -6.56 -12.01 -8.06
N MET A 682 -7.06 -11.00 -8.76
CA MET A 682 -7.54 -11.17 -10.13
C MET A 682 -6.44 -11.68 -11.07
N LEU A 683 -5.26 -11.12 -10.92
CA LEU A 683 -4.11 -11.49 -11.75
C LEU A 683 -3.64 -12.94 -11.53
N ASN A 684 -3.92 -13.48 -10.33
CA ASN A 684 -3.40 -14.75 -9.88
C ASN A 684 -4.42 -15.88 -9.85
N GLY A 685 -5.56 -15.68 -10.48
CA GLY A 685 -6.46 -16.80 -10.79
C GLY A 685 -7.46 -17.13 -9.69
N ALA A 686 -7.80 -16.11 -8.89
CA ALA A 686 -8.95 -16.18 -7.98
C ALA A 686 -10.13 -15.45 -8.60
N LEU A 687 -11.32 -15.93 -8.27
CA LEU A 687 -12.55 -15.20 -8.58
C LEU A 687 -12.85 -14.30 -7.40
N THR A 688 -13.62 -13.25 -7.65
CA THR A 688 -13.89 -12.23 -6.67
C THR A 688 -15.36 -12.22 -6.25
N ILE A 689 -15.59 -12.20 -4.93
CA ILE A 689 -16.90 -11.88 -4.38
C ILE A 689 -16.76 -10.50 -3.79
N GLY A 690 -17.58 -9.58 -4.26
CA GLY A 690 -17.43 -8.21 -3.85
C GLY A 690 -18.62 -7.30 -4.08
N THR A 691 -18.58 -6.20 -3.36
CA THR A 691 -19.49 -5.08 -3.58
C THR A 691 -18.99 -4.19 -4.72
N MET A 692 -19.88 -3.32 -5.18
CA MET A 692 -19.54 -2.33 -6.23
C MET A 692 -18.92 -1.11 -5.54
N ASP A 693 -17.66 -1.30 -5.16
CA ASP A 693 -16.91 -0.30 -4.40
C ASP A 693 -15.52 -0.19 -4.97
N GLY A 694 -14.96 1.01 -4.93
CA GLY A 694 -13.61 1.23 -5.40
C GLY A 694 -13.35 0.69 -6.79
N ALA A 695 -12.20 0.07 -6.96
CA ALA A 695 -11.84 -0.49 -8.25
C ALA A 695 -12.59 -1.77 -8.58
N ASN A 696 -13.30 -2.39 -7.62
CA ASN A 696 -14.12 -3.57 -7.94
C ASN A 696 -15.06 -3.26 -9.13
N VAL A 697 -15.58 -2.03 -9.16
CA VAL A 697 -16.49 -1.60 -10.25
C VAL A 697 -15.86 -1.74 -11.64
N GLU A 698 -14.61 -1.28 -11.75
CA GLU A 698 -13.87 -1.34 -13.01
C GLU A 698 -13.40 -2.75 -13.32
N MET A 699 -13.06 -3.51 -12.28
CA MET A 699 -12.68 -4.93 -12.51
C MET A 699 -13.83 -5.72 -13.14
N ALA A 700 -15.02 -5.56 -12.56
CA ALA A 700 -16.26 -6.19 -13.07
C ALA A 700 -16.59 -5.76 -14.50
N GLU A 701 -16.38 -4.48 -14.80
CA GLU A 701 -16.59 -3.91 -16.12
C GLU A 701 -15.63 -4.52 -17.12
N GLU A 702 -14.36 -4.68 -16.76
CA GLU A 702 -13.38 -5.29 -17.65
C GLU A 702 -13.68 -6.77 -17.87
N ALA A 703 -13.99 -7.52 -16.81
CA ALA A 703 -14.17 -8.97 -16.97
C ALA A 703 -15.56 -9.37 -17.49
N GLY A 704 -16.54 -8.49 -17.32
CA GLY A 704 -17.95 -8.80 -17.52
C GLY A 704 -18.54 -9.16 -16.16
N GLU A 705 -19.69 -8.56 -15.85
CA GLU A 705 -20.40 -8.81 -14.59
C GLU A 705 -20.79 -10.26 -14.38
N GLU A 706 -21.00 -10.99 -15.48
CA GLU A 706 -21.27 -12.43 -15.42
C GLU A 706 -20.07 -13.26 -14.91
N ASN A 707 -18.86 -12.69 -14.92
CA ASN A 707 -17.64 -13.36 -14.48
C ASN A 707 -17.13 -12.89 -13.13
N PHE A 708 -18.02 -12.24 -12.39
CA PHE A 708 -17.74 -11.64 -11.10
C PHE A 708 -18.91 -11.95 -10.18
N PHE A 709 -18.65 -12.15 -8.89
CA PHE A 709 -19.72 -12.40 -7.92
C PHE A 709 -20.06 -11.10 -7.19
N ILE A 710 -20.92 -10.31 -7.81
CA ILE A 710 -21.30 -9.00 -7.28
C ILE A 710 -22.50 -9.17 -6.37
N PHE A 711 -22.50 -8.48 -5.25
CA PHE A 711 -23.64 -8.45 -4.36
C PHE A 711 -23.73 -7.12 -3.62
N GLY A 712 -24.88 -6.94 -3.01
CA GLY A 712 -25.06 -5.89 -2.00
C GLY A 712 -25.49 -4.53 -2.51
N MET A 713 -25.66 -3.63 -1.56
CA MET A 713 -26.01 -2.24 -1.83
C MET A 713 -24.95 -1.59 -2.72
N ARG A 714 -25.43 -0.82 -3.69
CA ARG A 714 -24.63 0.17 -4.42
C ARG A 714 -24.58 1.44 -3.56
N VAL A 715 -23.72 2.39 -3.97
CA VAL A 715 -23.58 3.68 -3.26
C VAL A 715 -24.92 4.38 -3.07
N GLU A 716 -25.74 4.35 -4.13
CA GLU A 716 -27.08 4.95 -4.17
C GLU A 716 -28.03 4.31 -3.14
N ASP A 717 -27.92 2.99 -2.94
CA ASP A 717 -28.74 2.28 -1.95
C ASP A 717 -28.28 2.65 -0.54
N VAL A 718 -26.99 2.82 -0.33
CA VAL A 718 -26.49 3.25 0.98
C VAL A 718 -27.06 4.63 1.35
N ASP A 719 -26.98 5.56 0.40
CA ASP A 719 -27.57 6.91 0.54
C ASP A 719 -29.06 6.88 0.88
N ARG A 720 -29.83 6.04 0.19
CA ARG A 720 -31.27 5.92 0.46
C ARG A 720 -31.53 5.40 1.88
N LEU A 721 -30.73 4.44 2.33
CA LEU A 721 -30.87 3.91 3.70
C LEU A 721 -30.51 4.98 4.76
N ASP A 722 -29.47 5.79 4.48
CA ASP A 722 -29.04 6.86 5.40
C ASP A 722 -30.11 7.95 5.53
N GLN A 723 -30.81 8.24 4.42
CA GLN A 723 -31.89 9.21 4.44
C GLN A 723 -33.07 8.76 5.30
N ARG A 724 -33.51 7.51 5.20
CA ARG A 724 -34.60 7.06 6.09
C ARG A 724 -34.14 6.61 7.49
N GLY A 725 -32.85 6.31 7.66
CA GLY A 725 -32.28 5.91 8.95
C GLY A 725 -32.04 4.40 9.00
N TYR A 726 -30.81 3.99 9.23
CA TYR A 726 -30.47 2.56 9.31
C TYR A 726 -30.93 2.01 10.66
N ASN A 727 -31.77 1.00 10.62
CA ASN A 727 -32.22 0.34 11.84
C ASN A 727 -31.87 -1.13 11.73
N ALA A 728 -30.80 -1.53 12.42
CA ALA A 728 -30.32 -2.91 12.41
C ALA A 728 -31.31 -3.91 12.98
N GLN A 729 -32.15 -3.46 13.93
CA GLN A 729 -33.16 -4.31 14.57
C GLN A 729 -34.11 -4.93 13.54
N GLU A 730 -34.42 -4.19 12.49
CA GLU A 730 -35.30 -4.67 11.43
C GLU A 730 -34.79 -5.97 10.76
N TYR A 731 -33.48 -6.03 10.52
CA TYR A 731 -32.84 -7.21 9.91
C TYR A 731 -32.83 -8.36 10.91
N TYR A 732 -32.51 -8.05 12.16
CA TYR A 732 -32.55 -9.03 13.25
C TYR A 732 -33.93 -9.67 13.39
N ASP A 733 -34.98 -8.83 13.34
CA ASP A 733 -36.35 -9.33 13.46
C ASP A 733 -36.80 -10.18 12.27
N ARG A 734 -36.25 -9.93 11.08
CA ARG A 734 -36.77 -10.56 9.84
C ARG A 734 -35.98 -11.77 9.36
N ILE A 735 -34.75 -11.93 9.84
CA ILE A 735 -33.87 -12.99 9.33
C ILE A 735 -33.52 -13.92 10.48
N PRO A 736 -34.20 -15.08 10.61
CA PRO A 736 -33.93 -16.04 11.70
C PRO A 736 -32.47 -16.50 11.82
N GLU A 737 -31.81 -16.74 10.69
CA GLU A 737 -30.42 -17.20 10.71
C GLU A 737 -29.51 -16.14 11.31
N LEU A 738 -29.82 -14.87 11.06
CA LEU A 738 -29.08 -13.76 11.64
C LEU A 738 -29.33 -13.62 13.13
N ARG A 739 -30.60 -13.72 13.54
CA ARG A 739 -30.96 -13.70 14.95
C ARG A 739 -30.21 -14.81 15.73
N GLN A 740 -30.17 -16.01 15.19
CA GLN A 740 -29.48 -17.12 15.85
C GLN A 740 -28.00 -16.78 16.13
N ILE A 741 -27.34 -16.17 15.16
CA ILE A 741 -25.90 -15.82 15.30
C ILE A 741 -25.69 -14.79 16.41
N ILE A 742 -26.55 -13.78 16.44
CA ILE A 742 -26.44 -12.72 17.44
C ILE A 742 -26.70 -13.29 18.83
N GLU A 743 -27.66 -14.19 18.95
CA GLU A 743 -27.91 -14.87 20.22
C GLU A 743 -26.71 -15.75 20.65
N GLN A 744 -26.07 -16.41 19.70
CA GLN A 744 -24.85 -17.19 19.99
C GLN A 744 -23.72 -16.27 20.49
N LEU A 745 -23.51 -15.14 19.81
CA LEU A 745 -22.48 -14.16 20.23
C LEU A 745 -22.74 -13.62 21.65
N SER A 746 -24.00 -13.25 21.91
CA SER A 746 -24.42 -12.60 23.16
C SER A 746 -24.37 -13.51 24.35
N SER A 747 -24.62 -14.79 24.13
CA SER A 747 -24.82 -15.73 25.22
C SER A 747 -23.56 -16.53 25.56
N GLY A 748 -22.47 -16.30 24.84
CA GLY A 748 -21.20 -16.94 25.16
C GLY A 748 -20.91 -18.26 24.50
N PHE A 749 -21.60 -18.56 23.41
CA PHE A 749 -21.33 -19.77 22.63
C PHE A 749 -19.87 -19.83 22.14
N PHE A 750 -19.34 -18.69 21.69
CA PHE A 750 -17.94 -18.59 21.23
C PHE A 750 -16.96 -18.10 22.30
N SER A 751 -17.41 -17.97 23.54
CA SER A 751 -16.53 -17.59 24.65
C SER A 751 -17.09 -18.14 25.99
N PRO A 752 -17.13 -19.48 26.15
CA PRO A 752 -17.84 -20.07 27.30
C PRO A 752 -17.32 -19.61 28.68
N LYS A 753 -16.02 -19.34 28.79
CA LYS A 753 -15.43 -18.86 30.06
C LYS A 753 -15.66 -17.37 30.32
N GLN A 754 -15.87 -16.58 29.26
CA GLN A 754 -16.17 -15.16 29.38
C GLN A 754 -17.40 -14.88 28.53
N PRO A 755 -18.60 -15.22 29.03
CA PRO A 755 -19.82 -15.11 28.22
C PRO A 755 -20.12 -13.72 27.61
N ASP A 756 -19.69 -12.66 28.29
CA ASP A 756 -19.91 -11.29 27.79
C ASP A 756 -18.75 -10.70 26.96
N LEU A 757 -17.81 -11.55 26.53
CA LEU A 757 -16.59 -11.07 25.87
C LEU A 757 -16.88 -10.24 24.62
N PHE A 758 -17.92 -10.62 23.86
CA PHE A 758 -18.23 -9.96 22.58
C PHE A 758 -19.38 -8.95 22.63
N LYS A 759 -19.74 -8.48 23.83
CA LYS A 759 -20.88 -7.55 23.97
C LYS A 759 -20.66 -6.22 23.22
N ASP A 760 -19.43 -5.74 23.14
CA ASP A 760 -19.17 -4.49 22.41
C ASP A 760 -19.44 -4.69 20.92
N ILE A 761 -19.09 -5.87 20.40
CA ILE A 761 -19.34 -6.19 18.98
C ILE A 761 -20.85 -6.27 18.71
N VAL A 762 -21.58 -6.98 19.56
CA VAL A 762 -23.04 -7.08 19.43
C VAL A 762 -23.71 -5.70 19.50
N ASN A 763 -23.31 -4.89 20.50
CA ASN A 763 -23.88 -3.56 20.68
CA ASN A 763 -23.90 -3.58 20.68
C ASN A 763 -23.62 -2.68 19.47
N MET A 764 -22.39 -2.72 18.96
CA MET A 764 -22.06 -1.97 17.76
C MET A 764 -22.96 -2.41 16.59
N LEU A 765 -23.03 -3.71 16.34
CA LEU A 765 -23.84 -4.21 15.19
C LEU A 765 -25.32 -3.82 15.29
N MET A 766 -25.88 -3.94 16.48
CA MET A 766 -27.28 -3.65 16.70
C MET A 766 -27.62 -2.16 16.77
N HIS A 767 -26.71 -1.32 17.23
CA HIS A 767 -27.07 0.07 17.55
C HIS A 767 -26.24 1.18 16.95
N HIS A 768 -24.97 0.93 16.57
CA HIS A 768 -24.07 2.00 16.13
CA HIS A 768 -24.14 2.03 16.02
C HIS A 768 -23.22 1.57 14.91
N ASP A 769 -23.78 0.82 13.97
CA ASP A 769 -23.00 0.31 12.86
C ASP A 769 -23.04 1.30 11.68
N ARG A 770 -21.95 2.03 11.51
CA ARG A 770 -21.80 2.96 10.39
C ARG A 770 -21.68 2.24 9.05
N PHE A 771 -21.35 0.94 9.05
CA PHE A 771 -21.04 0.24 7.81
C PHE A 771 -22.07 -0.83 7.38
N LYS A 772 -23.21 -0.87 8.09
CA LYS A 772 -24.43 -1.54 7.62
C LYS A 772 -24.21 -3.02 7.27
N VAL A 773 -23.53 -3.73 8.18
CA VAL A 773 -23.21 -5.14 8.01
C VAL A 773 -24.46 -5.97 7.79
N PHE A 774 -25.50 -5.77 8.61
CA PHE A 774 -26.73 -6.56 8.48
C PHE A 774 -27.45 -6.32 7.15
N ALA A 775 -27.34 -5.11 6.61
CA ALA A 775 -28.05 -4.74 5.39
C ALA A 775 -27.57 -5.48 4.14
N ASP A 776 -26.32 -5.97 4.15
CA ASP A 776 -25.79 -6.76 3.04
C ASP A 776 -25.73 -8.28 3.32
N TYR A 777 -26.21 -8.71 4.49
CA TYR A 777 -26.04 -10.09 4.95
C TYR A 777 -26.77 -11.10 4.04
N GLU A 778 -28.06 -10.89 3.83
CA GLU A 778 -28.84 -11.83 3.01
C GLU A 778 -28.28 -11.99 1.61
N GLU A 779 -27.98 -10.89 0.93
CA GLU A 779 -27.43 -10.95 -0.45
C GLU A 779 -26.04 -11.60 -0.49
N TYR A 780 -25.24 -11.36 0.55
CA TYR A 780 -23.91 -11.96 0.68
C TYR A 780 -23.98 -13.48 0.80
N VAL A 781 -24.82 -13.97 1.70
CA VAL A 781 -25.00 -15.41 1.88
C VAL A 781 -25.50 -16.08 0.60
N LYS A 782 -26.48 -15.46 -0.06
CA LYS A 782 -27.01 -16.00 -1.33
C LYS A 782 -25.96 -16.02 -2.40
N CYS A 783 -25.14 -14.96 -2.48
CA CYS A 783 -24.06 -14.90 -3.46
C CYS A 783 -22.98 -15.99 -3.18
N GLN A 784 -22.63 -16.20 -1.91
CA GLN A 784 -21.72 -17.29 -1.50
C GLN A 784 -22.22 -18.68 -1.90
N GLU A 785 -23.54 -18.90 -1.91
CA GLU A 785 -24.11 -20.15 -2.41
C GLU A 785 -23.85 -20.31 -3.91
N ARG A 786 -23.91 -19.24 -4.68
CA ARG A 786 -23.60 -19.31 -6.10
C ARG A 786 -22.10 -19.66 -6.35
N VAL A 787 -21.23 -19.18 -5.46
CA VAL A 787 -19.80 -19.47 -5.55
C VAL A 787 -19.58 -20.97 -5.39
N SER A 788 -20.21 -21.54 -4.38
CA SER A 788 -20.07 -22.96 -4.07
C SER A 788 -20.61 -23.83 -5.20
N ALA A 789 -21.72 -23.41 -5.79
CA ALA A 789 -22.30 -24.11 -6.93
C ALA A 789 -21.35 -24.12 -8.11
N LEU A 790 -20.68 -23.01 -8.38
CA LEU A 790 -19.73 -22.97 -9.50
C LEU A 790 -18.47 -23.81 -9.20
N TYR A 791 -18.03 -23.82 -7.95
CA TYR A 791 -16.82 -24.58 -7.56
C TYR A 791 -16.96 -26.10 -7.78
N LYS A 792 -18.19 -26.60 -7.65
CA LYS A 792 -18.53 -27.99 -7.99
C LYS A 792 -18.28 -28.40 -9.43
N ASN A 793 -18.18 -27.44 -10.34
CA ASN A 793 -17.94 -27.71 -11.75
C ASN A 793 -16.56 -27.12 -12.12
N PRO A 794 -15.48 -27.87 -11.86
CA PRO A 794 -14.13 -27.30 -12.01
C PRO A 794 -13.82 -26.73 -13.39
N ARG A 795 -14.33 -27.36 -14.46
CA ARG A 795 -14.11 -26.84 -15.81
C ARG A 795 -14.67 -25.42 -15.99
N GLU A 796 -15.90 -25.19 -15.53
CA GLU A 796 -16.52 -23.88 -15.67
C GLU A 796 -15.95 -22.86 -14.70
N TRP A 797 -15.58 -23.29 -13.49
CA TRP A 797 -14.84 -22.43 -12.59
C TRP A 797 -13.57 -21.92 -13.28
N THR A 798 -12.79 -22.84 -13.84
CA THR A 798 -11.53 -22.49 -14.50
C THR A 798 -11.72 -21.60 -15.74
N ARG A 799 -12.78 -21.84 -16.51
CA ARG A 799 -13.06 -20.98 -17.65
C ARG A 799 -13.33 -19.54 -17.19
N MET A 800 -14.09 -19.39 -16.09
CA MET A 800 -14.33 -18.07 -15.53
C MET A 800 -13.04 -17.40 -15.03
N VAL A 801 -12.18 -18.18 -14.40
CA VAL A 801 -10.84 -17.70 -14.03
C VAL A 801 -10.06 -17.16 -15.23
N ILE A 802 -10.04 -17.91 -16.33
CA ILE A 802 -9.33 -17.46 -17.52
C ILE A 802 -9.87 -16.11 -18.00
N ARG A 803 -11.19 -15.96 -17.97
CA ARG A 803 -11.80 -14.68 -18.33
C ARG A 803 -11.39 -13.51 -17.44
N ASN A 804 -11.12 -13.80 -16.17
CA ASN A 804 -10.63 -12.78 -15.24
C ASN A 804 -9.14 -12.44 -15.50
N ILE A 805 -8.29 -13.46 -15.60
CA ILE A 805 -6.87 -13.22 -15.81
C ILE A 805 -6.69 -12.46 -17.13
N ALA A 806 -7.40 -12.90 -18.16
CA ALA A 806 -7.31 -12.31 -19.49
C ALA A 806 -7.67 -10.82 -19.58
N THR A 807 -8.52 -10.33 -18.67
CA THR A 807 -9.02 -8.94 -18.69
C THR A 807 -8.41 -8.10 -17.55
N SER A 808 -7.36 -8.61 -16.92
CA SER A 808 -6.76 -7.91 -15.78
C SER A 808 -5.73 -6.84 -16.21
N GLY A 809 -5.49 -6.70 -17.52
CA GLY A 809 -4.42 -5.83 -18.03
C GLY A 809 -4.52 -4.37 -17.64
N LYS A 810 -5.76 -3.85 -17.56
CA LYS A 810 -5.97 -2.47 -17.16
C LYS A 810 -5.33 -2.15 -15.79
N PHE A 811 -5.17 -3.17 -14.95
CA PHE A 811 -4.75 -2.97 -13.57
C PHE A 811 -3.27 -3.06 -13.32
N SER A 812 -2.49 -3.01 -14.40
CA SER A 812 -1.07 -2.79 -14.32
C SER A 812 -0.76 -1.35 -13.90
N SER A 813 0.13 -1.20 -12.93
CA SER A 813 0.62 0.12 -12.54
C SER A 813 1.40 0.81 -13.66
N ASP A 814 1.84 0.06 -14.68
CA ASP A 814 2.43 0.68 -15.88
C ASP A 814 1.40 1.56 -16.59
N ARG A 815 0.16 1.08 -16.65
CA ARG A 815 -0.94 1.85 -17.22
C ARG A 815 -1.19 3.11 -16.36
N THR A 816 -1.31 2.93 -15.05
CA THR A 816 -1.54 4.03 -14.15
C THR A 816 -0.46 5.14 -14.30
N ILE A 817 0.80 4.72 -14.27
CA ILE A 817 1.92 5.65 -14.35
C ILE A 817 2.00 6.35 -15.70
N ALA A 818 1.75 5.64 -16.80
CA ALA A 818 1.67 6.32 -18.10
C ALA A 818 0.61 7.44 -18.11
N GLN A 819 -0.51 7.22 -17.40
CA GLN A 819 -1.56 8.24 -17.33
C GLN A 819 -1.12 9.43 -16.48
N TYR A 820 -0.54 9.20 -15.30
CA TYR A 820 0.06 10.30 -14.52
C TYR A 820 1.08 11.08 -15.37
N ALA A 821 1.96 10.35 -16.04
CA ALA A 821 3.03 10.98 -16.84
C ALA A 821 2.46 11.92 -17.92
N ARG A 822 1.50 11.44 -18.69
CA ARG A 822 0.93 12.21 -19.78
C ARG A 822 -0.03 13.32 -19.33
N GLU A 823 -0.89 13.02 -18.35
CA GLU A 823 -2.03 13.90 -18.00
C GLU A 823 -1.73 14.84 -16.82
N ILE A 824 -0.72 14.53 -16.02
CA ILE A 824 -0.36 15.35 -14.87
C ILE A 824 1.06 15.92 -14.95
N TRP A 825 2.06 15.07 -15.19
CA TRP A 825 3.46 15.48 -15.10
C TRP A 825 3.99 16.10 -16.35
N GLY A 826 3.34 15.83 -17.49
CA GLY A 826 3.78 16.35 -18.77
C GLY A 826 5.07 15.75 -19.28
N VAL A 827 5.24 14.44 -19.12
CA VAL A 827 6.41 13.74 -19.65
C VAL A 827 5.96 12.49 -20.38
N GLU A 828 6.77 12.03 -21.31
CA GLU A 828 6.43 10.89 -22.15
C GLU A 828 7.15 9.64 -21.61
N PRO A 829 6.41 8.56 -21.32
CA PRO A 829 7.07 7.29 -20.99
C PRO A 829 7.89 6.72 -22.15
N SER A 830 8.78 5.77 -21.84
CA SER A 830 9.64 5.15 -22.84
C SER A 830 9.95 3.71 -22.42
N ARG A 831 9.84 2.78 -23.37
CA ARG A 831 10.26 1.38 -23.14
C ARG A 831 11.68 1.10 -23.68
N GLN A 832 12.36 2.12 -24.19
CA GLN A 832 13.74 1.97 -24.69
C GLN A 832 14.76 1.70 -23.56
N ARG A 833 15.70 0.81 -23.86
CA ARG A 833 16.74 0.37 -22.94
C ARG A 833 17.90 1.35 -22.97
N LEU A 834 18.50 1.61 -21.80
CA LEU A 834 19.82 2.21 -21.73
C LEU A 834 20.83 1.11 -22.08
N PRO A 835 22.01 1.49 -22.60
CA PRO A 835 23.05 0.47 -22.87
C PRO A 835 23.57 -0.16 -21.57
N ALA A 836 23.94 -1.45 -21.64
CA ALA A 836 24.29 -2.24 -20.45
C ALA A 836 25.61 -1.79 -19.79
N1 PLP B . -1.29 -5.03 2.80
C2 PLP B . -0.41 -5.72 2.08
C2A PLP B . 0.73 -6.42 2.76
C3 PLP B . -0.51 -5.75 0.63
O3 PLP B . 0.37 -6.41 -0.17
C4 PLP B . -1.66 -5.08 0.03
C4A PLP B . -1.88 -5.05 -1.44
C5 PLP B . -2.58 -4.35 0.91
C6 PLP B . -2.35 -4.40 2.30
C5A PLP B . -3.80 -3.66 0.35
O4P PLP B . -4.90 -4.61 0.31
P PLP B . -6.42 -4.05 0.23
O1P PLP B . -7.17 -5.35 0.12
O2P PLP B . -6.67 -3.31 1.50
O3P PLP B . -6.47 -3.21 -1.04
O6' 9L2 C . -4.77 4.28 -3.10
C6' 9L2 C . -4.13 3.25 -2.34
C5' 9L2 C . -4.95 2.82 -1.14
C4' 9L2 C . -6.40 2.46 -1.57
O4' 9L2 C . -6.36 1.33 -2.46
C3' 9L2 C . -7.26 2.15 -0.36
O3' 9L2 C . -8.62 2.02 -0.81
O5' 9L2 C . -4.94 3.85 -0.15
C1' 9L2 C . -5.62 3.47 1.04
C2' 9L2 C . -7.11 3.24 0.71
N2' 9L2 C . -7.84 2.87 1.95
C1 9L2 C . -5.41 4.55 2.02
N2 9L2 C . -6.04 5.73 2.03
C3 9L2 C . -5.59 6.47 3.05
C4 9L2 C . -4.64 5.72 3.70
N5 9L2 C . -4.55 4.52 3.05
C6 9L2 C . -3.86 6.11 4.91
C7 9L2 C . -4.21 7.22 5.68
C8 9L2 C . -3.47 7.54 6.80
C9 9L2 C . -2.36 6.78 7.18
C10 9L2 C . -2.01 5.66 6.42
C11 9L2 C . -2.75 5.35 5.28
P IMP D . 22.44 13.97 -7.72
O1P IMP D . 21.64 14.29 -8.97
O2P IMP D . 23.30 15.14 -7.29
O3P IMP D . 21.67 13.32 -6.62
O5' IMP D . 23.47 12.77 -8.08
C5' IMP D . 23.71 12.20 -9.39
C4' IMP D . 24.97 12.88 -9.91
O4' IMP D . 24.89 13.22 -11.31
C3' IMP D . 26.33 12.20 -9.70
O3' IMP D . 26.27 10.83 -9.28
C2' IMP D . 27.04 12.43 -11.04
O2' IMP D . 27.11 11.24 -11.82
C1' IMP D . 26.21 13.51 -11.75
N9 IMP D . 26.66 14.88 -11.34
C8 IMP D . 26.04 15.76 -10.50
N7 IMP D . 26.74 16.91 -10.36
C5 IMP D . 27.84 16.80 -11.10
C6 IMP D . 29.01 17.66 -11.39
O6 IMP D . 29.10 18.79 -10.88
N1 IMP D . 29.95 17.19 -12.22
C2 IMP D . 29.86 15.96 -12.79
N3 IMP D . 28.82 15.12 -12.57
C4 IMP D . 27.80 15.48 -11.75
#